data_3MPY
# 
_entry.id   3MPY 
# 
_audit_conform.dict_name       mmcif_pdbx.dic 
_audit_conform.dict_version    5.379 
_audit_conform.dict_location   http://mmcif.pdb.org/dictionaries/ascii/mmcif_pdbx.dic 
# 
loop_
_database_2.database_id 
_database_2.database_code 
_database_2.pdbx_database_accession 
_database_2.pdbx_DOI 
PDB   3MPY         pdb_00003mpy 10.2210/pdb3mpy/pdb 
RCSB  RCSB058853   ?            ?                   
WWPDB D_1000058853 ?            ?                   
# 
loop_
_pdbx_database_related.db_name 
_pdbx_database_related.db_id 
_pdbx_database_related.details 
_pdbx_database_related.content_type 
PDB 3GFH 'CRYSTAL STRUCTURE OF THE EUTL PROTEIN OF THE EUT-BMC OF E. COLI' unspecified 
PDB 3MPW 'EutM in crystal form P21'                                        unspecified 
PDB 2A1B 'carboxysomal shell protein'                                      unspecified 
PDB 3MPV .                                                                 unspecified 
# 
_pdbx_database_status.status_code                     REL 
_pdbx_database_status.entry_id                        3MPY 
_pdbx_database_status.recvd_initial_deposition_date   2010-04-27 
_pdbx_database_status.deposit_site                    RCSB 
_pdbx_database_status.process_site                    RCSB 
_pdbx_database_status.status_code_sf                  REL 
_pdbx_database_status.status_code_mr                  ? 
_pdbx_database_status.SG_entry                        ? 
_pdbx_database_status.status_code_cs                  ? 
_pdbx_database_status.pdb_format_compatible           Y 
_pdbx_database_status.status_code_nmr_data            ? 
_pdbx_database_status.methods_development_category    ? 
# 
loop_
_audit_author.name 
_audit_author.pdbx_ordinal 
'Sagermann, M.'   1 
'Takenoya, M.'    2 
'Nikolakakis, K.' 3 
# 
loop_
_citation.id 
_citation.title 
_citation.journal_abbrev 
_citation.journal_volume 
_citation.page_first 
_citation.page_last 
_citation.year 
_citation.journal_id_ASTM 
_citation.country 
_citation.journal_id_ISSN 
_citation.journal_id_CSD 
_citation.book_publisher 
_citation.pdbx_database_id_PubMed 
_citation.pdbx_database_id_DOI 
primary 
;Crystallographic insights into the pore structures and mechanisms of the EutL and EutM shell proteins of the ethanolamine-utilizing microcompartment of Escherichia coli.
;
J.Bacteriol.           192 6056 6063 2010 JOBAAY US 0021-9193 0767 ? 20851901 10.1128/JB.00652-10     
1       'Crystal structure of the EutL shell protein of the ethanolamine ammonia lyase microcompartment.' Proc.Natl.Acad.Sci.USA 
106 8883 8887 2009 PNASA6 US 0027-8424 0040 ? 19451619 10.1073/pnas.0902324106 
# 
loop_
_citation_author.citation_id 
_citation_author.name 
_citation_author.ordinal 
_citation_author.identifier_ORCID 
primary 'Takenoya, M.'    1 ? 
primary 'Nikolakakis, K.' 2 ? 
primary 'Sagermann, M.'   3 ? 
1       'Sagermann, M.'   4 ? 
1       'Ohtaki, A.'      5 ? 
1       'Nikolakakis, K.' 6 ? 
# 
_cell.entry_id           3MPY 
_cell.length_a           69.164 
_cell.length_b           69.164 
_cell.length_c           28.950 
_cell.angle_alpha        90.00 
_cell.angle_beta         90.00 
_cell.angle_gamma        120.00 
_cell.Z_PDB              6 
_cell.pdbx_unique_axis   ? 
_cell.length_a_esd       ? 
_cell.length_b_esd       ? 
_cell.length_c_esd       ? 
_cell.angle_alpha_esd    ? 
_cell.angle_beta_esd     ? 
_cell.angle_gamma_esd    ? 
# 
_symmetry.entry_id                         3MPY 
_symmetry.space_group_name_H-M             'P 6' 
_symmetry.pdbx_full_space_group_name_H-M   ? 
_symmetry.cell_setting                     ? 
_symmetry.Int_Tables_number                168 
_symmetry.space_group_name_Hall            ? 
# 
loop_
_entity.id 
_entity.type 
_entity.src_method 
_entity.pdbx_description 
_entity.formula_weight 
_entity.pdbx_number_of_molecules 
_entity.pdbx_ec 
_entity.pdbx_mutation 
_entity.pdbx_fragment 
_entity.details 
1 polymer     man 'Ethanolamine utilization protein eutM' 10706.420 1 ? ? ? ? 
2 non-polymer syn 'SULFATE ION'                           96.063    2 ? ? ? ? 
3 water       nat water                                   18.015    4 ? ? ? ? 
# 
_entity_poly.entity_id                      1 
_entity_poly.type                           'polypeptide(L)' 
_entity_poly.nstd_linkage                   no 
_entity_poly.nstd_monomer                   no 
_entity_poly.pdbx_seq_one_letter_code       
;MEALGMIETRGLVALIEASDAMVKAARVKLVGVKQIGGGLCTAMVRGDVAACKAATDAGAAAAQRIGELVSVHVIPRPHG
DLEEVFPIGLKGDSSNLHHHHHH
;
_entity_poly.pdbx_seq_one_letter_code_can   
;MEALGMIETRGLVALIEASDAMVKAARVKLVGVKQIGGGLCTAMVRGDVAACKAATDAGAAAAQRIGELVSVHVIPRPHG
DLEEVFPIGLKGDSSNLHHHHHH
;
_entity_poly.pdbx_strand_id                 A 
_entity_poly.pdbx_target_identifier         ? 
# 
loop_
_entity_poly_seq.entity_id 
_entity_poly_seq.num 
_entity_poly_seq.mon_id 
_entity_poly_seq.hetero 
1 1   MET n 
1 2   GLU n 
1 3   ALA n 
1 4   LEU n 
1 5   GLY n 
1 6   MET n 
1 7   ILE n 
1 8   GLU n 
1 9   THR n 
1 10  ARG n 
1 11  GLY n 
1 12  LEU n 
1 13  VAL n 
1 14  ALA n 
1 15  LEU n 
1 16  ILE n 
1 17  GLU n 
1 18  ALA n 
1 19  SER n 
1 20  ASP n 
1 21  ALA n 
1 22  MET n 
1 23  VAL n 
1 24  LYS n 
1 25  ALA n 
1 26  ALA n 
1 27  ARG n 
1 28  VAL n 
1 29  LYS n 
1 30  LEU n 
1 31  VAL n 
1 32  GLY n 
1 33  VAL n 
1 34  LYS n 
1 35  GLN n 
1 36  ILE n 
1 37  GLY n 
1 38  GLY n 
1 39  GLY n 
1 40  LEU n 
1 41  CYS n 
1 42  THR n 
1 43  ALA n 
1 44  MET n 
1 45  VAL n 
1 46  ARG n 
1 47  GLY n 
1 48  ASP n 
1 49  VAL n 
1 50  ALA n 
1 51  ALA n 
1 52  CYS n 
1 53  LYS n 
1 54  ALA n 
1 55  ALA n 
1 56  THR n 
1 57  ASP n 
1 58  ALA n 
1 59  GLY n 
1 60  ALA n 
1 61  ALA n 
1 62  ALA n 
1 63  ALA n 
1 64  GLN n 
1 65  ARG n 
1 66  ILE n 
1 67  GLY n 
1 68  GLU n 
1 69  LEU n 
1 70  VAL n 
1 71  SER n 
1 72  VAL n 
1 73  HIS n 
1 74  VAL n 
1 75  ILE n 
1 76  PRO n 
1 77  ARG n 
1 78  PRO n 
1 79  HIS n 
1 80  GLY n 
1 81  ASP n 
1 82  LEU n 
1 83  GLU n 
1 84  GLU n 
1 85  VAL n 
1 86  PHE n 
1 87  PRO n 
1 88  ILE n 
1 89  GLY n 
1 90  LEU n 
1 91  LYS n 
1 92  GLY n 
1 93  ASP n 
1 94  SER n 
1 95  SER n 
1 96  ASN n 
1 97  LEU n 
1 98  HIS n 
1 99  HIS n 
1 100 HIS n 
1 101 HIS n 
1 102 HIS n 
1 103 HIS n 
# 
_entity_src_gen.entity_id                          1 
_entity_src_gen.pdbx_src_id                        1 
_entity_src_gen.pdbx_alt_source_flag               sample 
_entity_src_gen.pdbx_seq_type                      ? 
_entity_src_gen.pdbx_beg_seq_num                   ? 
_entity_src_gen.pdbx_end_seq_num                   ? 
_entity_src_gen.gene_src_common_name               ? 
_entity_src_gen.gene_src_genus                     ? 
_entity_src_gen.pdbx_gene_src_gene                 'b2457, cchA, eutM, JW2441, yffZ' 
_entity_src_gen.gene_src_species                   ? 
_entity_src_gen.gene_src_strain                    K12 
_entity_src_gen.gene_src_tissue                    ? 
_entity_src_gen.gene_src_tissue_fraction           ? 
_entity_src_gen.gene_src_details                   ? 
_entity_src_gen.pdbx_gene_src_fragment             ? 
_entity_src_gen.pdbx_gene_src_scientific_name      'Escherichia coli' 
_entity_src_gen.pdbx_gene_src_ncbi_taxonomy_id     83333 
_entity_src_gen.pdbx_gene_src_variant              ? 
_entity_src_gen.pdbx_gene_src_cell_line            ? 
_entity_src_gen.pdbx_gene_src_atcc                 ? 
_entity_src_gen.pdbx_gene_src_organ                ? 
_entity_src_gen.pdbx_gene_src_organelle            ? 
_entity_src_gen.pdbx_gene_src_cell                 ? 
_entity_src_gen.pdbx_gene_src_cellular_location    ? 
_entity_src_gen.host_org_common_name               ? 
_entity_src_gen.pdbx_host_org_scientific_name      'Escherichia coli' 
_entity_src_gen.pdbx_host_org_ncbi_taxonomy_id     562 
_entity_src_gen.host_org_genus                     ? 
_entity_src_gen.pdbx_host_org_gene                 ? 
_entity_src_gen.pdbx_host_org_organ                ? 
_entity_src_gen.host_org_species                   ? 
_entity_src_gen.pdbx_host_org_tissue               ? 
_entity_src_gen.pdbx_host_org_tissue_fraction      ? 
_entity_src_gen.pdbx_host_org_strain               BL21-AI 
_entity_src_gen.pdbx_host_org_variant              ? 
_entity_src_gen.pdbx_host_org_cell_line            ? 
_entity_src_gen.pdbx_host_org_atcc                 ? 
_entity_src_gen.pdbx_host_org_culture_collection   ? 
_entity_src_gen.pdbx_host_org_cell                 ? 
_entity_src_gen.pdbx_host_org_organelle            ? 
_entity_src_gen.pdbx_host_org_cellular_location    ? 
_entity_src_gen.pdbx_host_org_vector_type          plasmid 
_entity_src_gen.pdbx_host_org_vector               ? 
_entity_src_gen.host_org_details                   ? 
_entity_src_gen.expression_system_id               ? 
_entity_src_gen.plasmid_name                       pET101 
_entity_src_gen.plasmid_details                    ? 
_entity_src_gen.pdbx_description                   ? 
# 
_struct_ref.id                         1 
_struct_ref.db_name                    UNP 
_struct_ref.db_code                    EUTM_ECOLI 
_struct_ref.pdbx_db_accession          P0ABF4 
_struct_ref.entity_id                  1 
_struct_ref.pdbx_seq_one_letter_code   
;MEALGMIETRGLVALIEASDAMVKAARVKLVGVKQIGGGLCTAMVRGDVAACKAATDAGAAAAQRIGELVSVHVIPRPHG
DLEEVFPIGLKGDSSNL
;
_struct_ref.pdbx_align_begin           1 
_struct_ref.pdbx_db_isoform            ? 
# 
_struct_ref_seq.align_id                      1 
_struct_ref_seq.ref_id                        1 
_struct_ref_seq.pdbx_PDB_id_code              3MPY 
_struct_ref_seq.pdbx_strand_id                A 
_struct_ref_seq.seq_align_beg                 1 
_struct_ref_seq.pdbx_seq_align_beg_ins_code   ? 
_struct_ref_seq.seq_align_end                 97 
_struct_ref_seq.pdbx_seq_align_end_ins_code   ? 
_struct_ref_seq.pdbx_db_accession             P0ABF4 
_struct_ref_seq.db_align_beg                  1 
_struct_ref_seq.pdbx_db_align_beg_ins_code    ? 
_struct_ref_seq.db_align_end                  97 
_struct_ref_seq.pdbx_db_align_end_ins_code    ? 
_struct_ref_seq.pdbx_auth_seq_align_beg       1 
_struct_ref_seq.pdbx_auth_seq_align_end       97 
# 
loop_
_struct_ref_seq_dif.align_id 
_struct_ref_seq_dif.pdbx_pdb_id_code 
_struct_ref_seq_dif.mon_id 
_struct_ref_seq_dif.pdbx_pdb_strand_id 
_struct_ref_seq_dif.seq_num 
_struct_ref_seq_dif.pdbx_pdb_ins_code 
_struct_ref_seq_dif.pdbx_seq_db_name 
_struct_ref_seq_dif.pdbx_seq_db_accession_code 
_struct_ref_seq_dif.db_mon_id 
_struct_ref_seq_dif.pdbx_seq_db_seq_num 
_struct_ref_seq_dif.details 
_struct_ref_seq_dif.pdbx_auth_seq_num 
_struct_ref_seq_dif.pdbx_ordinal 
1 3MPY HIS A 98  ? UNP P0ABF4 ? ? 'expression tag' 98  1 
1 3MPY HIS A 99  ? UNP P0ABF4 ? ? 'expression tag' 99  2 
1 3MPY HIS A 100 ? UNP P0ABF4 ? ? 'expression tag' 100 3 
1 3MPY HIS A 101 ? UNP P0ABF4 ? ? 'expression tag' 101 4 
1 3MPY HIS A 102 ? UNP P0ABF4 ? ? 'expression tag' 102 5 
1 3MPY HIS A 103 ? UNP P0ABF4 ? ? 'expression tag' 103 6 
# 
loop_
_chem_comp.id 
_chem_comp.type 
_chem_comp.mon_nstd_flag 
_chem_comp.name 
_chem_comp.pdbx_synonyms 
_chem_comp.formula 
_chem_comp.formula_weight 
ALA 'L-peptide linking' y ALANINE         ? 'C3 H7 N O2'     89.093  
ARG 'L-peptide linking' y ARGININE        ? 'C6 H15 N4 O2 1' 175.209 
ASN 'L-peptide linking' y ASPARAGINE      ? 'C4 H8 N2 O3'    132.118 
ASP 'L-peptide linking' y 'ASPARTIC ACID' ? 'C4 H7 N O4'     133.103 
CYS 'L-peptide linking' y CYSTEINE        ? 'C3 H7 N O2 S'   121.158 
GLN 'L-peptide linking' y GLUTAMINE       ? 'C5 H10 N2 O3'   146.144 
GLU 'L-peptide linking' y 'GLUTAMIC ACID' ? 'C5 H9 N O4'     147.129 
GLY 'peptide linking'   y GLYCINE         ? 'C2 H5 N O2'     75.067  
HIS 'L-peptide linking' y HISTIDINE       ? 'C6 H10 N3 O2 1' 156.162 
HOH non-polymer         . WATER           ? 'H2 O'           18.015  
ILE 'L-peptide linking' y ISOLEUCINE      ? 'C6 H13 N O2'    131.173 
LEU 'L-peptide linking' y LEUCINE         ? 'C6 H13 N O2'    131.173 
LYS 'L-peptide linking' y LYSINE          ? 'C6 H15 N2 O2 1' 147.195 
MET 'L-peptide linking' y METHIONINE      ? 'C5 H11 N O2 S'  149.211 
PHE 'L-peptide linking' y PHENYLALANINE   ? 'C9 H11 N O2'    165.189 
PRO 'L-peptide linking' y PROLINE         ? 'C5 H9 N O2'     115.130 
SER 'L-peptide linking' y SERINE          ? 'C3 H7 N O3'     105.093 
SO4 non-polymer         . 'SULFATE ION'   ? 'O4 S -2'        96.063  
THR 'L-peptide linking' y THREONINE       ? 'C4 H9 N O3'     119.119 
VAL 'L-peptide linking' y VALINE          ? 'C5 H11 N O2'    117.146 
# 
_exptl.entry_id          3MPY 
_exptl.method            'X-RAY DIFFRACTION' 
_exptl.crystals_number   1 
# 
_exptl_crystal.id                    1 
_exptl_crystal.density_meas          ? 
_exptl_crystal.density_Matthews      1.87 
_exptl_crystal.density_percent_sol   34.12 
_exptl_crystal.description           ? 
_exptl_crystal.F_000                 ? 
_exptl_crystal.preparation           ? 
# 
_exptl_crystal_grow.crystal_id      1 
_exptl_crystal_grow.method          'VAPOR DIFFUSION, HANGING DROP' 
_exptl_crystal_grow.temp            298 
_exptl_crystal_grow.temp_details    ? 
_exptl_crystal_grow.pH              4.6 
_exptl_crystal_grow.pdbx_details    
'2 M ammoniumsulfate, 100 mM sodium acetate, pH 4.6, VAPOR DIFFUSION, HANGING DROP, temperature 298K' 
_exptl_crystal_grow.pdbx_pH_range   ? 
# 
_diffrn.id                     1 
_diffrn.ambient_temp           100 
_diffrn.ambient_temp_details   ? 
_diffrn.crystal_id             1 
# 
_diffrn_detector.diffrn_id              1 
_diffrn_detector.detector               CCD 
_diffrn_detector.type                   'ADSC QUANTUM 315r' 
_diffrn_detector.pdbx_collection_date   2009-06-11 
_diffrn_detector.details                'Rh coated flat mirror.' 
# 
_diffrn_radiation.diffrn_id                        1 
_diffrn_radiation.wavelength_id                    1 
_diffrn_radiation.pdbx_monochromatic_or_laue_m_l   M 
_diffrn_radiation.monochromator                    'SI 111 (side scattering I-beam bent single crystal, asymmetric cut 4.9650 deg)' 
_diffrn_radiation.pdbx_diffrn_protocol             'SINGLE WAVELENGTH' 
_diffrn_radiation.pdbx_scattering_type             x-ray 
# 
_diffrn_radiation_wavelength.id           1 
_diffrn_radiation_wavelength.wavelength   0.97946 
_diffrn_radiation_wavelength.wt           1.0 
# 
_diffrn_source.diffrn_id                   1 
_diffrn_source.source                      SYNCHROTRON 
_diffrn_source.type                        'SSRL BEAMLINE BL7-1' 
_diffrn_source.pdbx_synchrotron_site       SSRL 
_diffrn_source.pdbx_synchrotron_beamline   BL7-1 
_diffrn_source.pdbx_wavelength             ? 
_diffrn_source.pdbx_wavelength_list        0.97946 
# 
_reflns.entry_id                     3MPY 
_reflns.observed_criterion_sigma_I   0.0 
_reflns.observed_criterion_sigma_F   0.0 
_reflns.d_resolution_low             17.3 
_reflns.d_resolution_high            2.0 
_reflns.number_obs                   4477 
_reflns.number_all                   ? 
_reflns.percent_possible_obs         81.1 
_reflns.pdbx_Rmerge_I_obs            ? 
_reflns.pdbx_Rsym_value              0.078 
_reflns.pdbx_netI_over_sigmaI        20.1 
_reflns.B_iso_Wilson_estimate        ? 
_reflns.pdbx_redundancy              11.1 
_reflns.R_free_details               ? 
_reflns.limit_h_max                  ? 
_reflns.limit_h_min                  ? 
_reflns.limit_k_max                  ? 
_reflns.limit_k_min                  ? 
_reflns.limit_l_max                  ? 
_reflns.limit_l_min                  ? 
_reflns.observed_criterion_F_max     ? 
_reflns.observed_criterion_F_min     ? 
_reflns.pdbx_chi_squared             ? 
_reflns.pdbx_scaling_rejects         ? 
_reflns.pdbx_ordinal                 1 
_reflns.pdbx_diffrn_id               1 
# 
_refine.entry_id                                 3MPY 
_refine.ls_number_reflns_obs                     4392 
_refine.ls_number_reflns_all                     ? 
_refine.pdbx_ls_sigma_I                          0.0 
_refine.pdbx_ls_sigma_F                          0.0 
_refine.pdbx_data_cutoff_high_absF               ? 
_refine.pdbx_data_cutoff_low_absF                ? 
_refine.pdbx_data_cutoff_high_rms_absF           ? 
_refine.ls_d_res_low                             17.29 
_refine.ls_d_res_high                            2.00 
_refine.ls_percent_reflns_obs                    83.19 
_refine.ls_R_factor_obs                          0.22641 
_refine.ls_R_factor_all                          ? 
_refine.ls_R_factor_R_work                       0.22415 
_refine.ls_R_factor_R_free                       0.28277 
_refine.ls_R_factor_R_free_error                 ? 
_refine.ls_R_factor_R_free_error_details         ? 
_refine.ls_percent_reflns_R_free                 4.2 
_refine.ls_number_reflns_R_free                  192 
_refine.ls_number_parameters                     ? 
_refine.ls_number_restraints                     ? 
_refine.occupancy_min                            ? 
_refine.occupancy_max                            ? 
_refine.correlation_coeff_Fo_to_Fc               0.938 
_refine.correlation_coeff_Fo_to_Fc_free          0.904 
_refine.B_iso_mean                               40.223 
_refine.aniso_B[1][1]                            -1.11 
_refine.aniso_B[2][2]                            -1.11 
_refine.aniso_B[3][3]                            2.22 
_refine.aniso_B[1][2]                            0.00 
_refine.aniso_B[1][3]                            0.00 
_refine.aniso_B[2][3]                            0.00 
_refine.solvent_model_details                    'BABINET MODEL WITH MASK' 
_refine.solvent_model_param_ksol                 ? 
_refine.solvent_model_param_bsol                 ? 
_refine.pdbx_solvent_vdw_probe_radii             1.40 
_refine.pdbx_solvent_ion_probe_radii             0.80 
_refine.pdbx_solvent_shrinkage_radii             0.80 
_refine.pdbx_ls_cross_valid_method               THROUGHOUT 
_refine.details                                  
;HYDROGENS HAVE BEEN ADDED IN THE RIDING POSITIONS. DATA SET WAS TWINNED AND REFINEMENT WAS CARRIED OUT ACCORDINGLY WITH THE PROGRAM REFMAC. OCCUPANCIES OF THE SULFATES ARE LESS THAN ONE DUE TO THEIR SPECIAL POSITIONS. THE N-TERMINAL METHIONINE AND THE HIS-TAGS WERE NOT VISIBLE IN THE DENSITY.
;
_refine.pdbx_starting_model                      'PDB entry 2A1B (RESIDUES 2-90)' 
_refine.pdbx_method_to_determine_struct          'MOLECULAR REPLACEMENT' 
_refine.pdbx_isotropic_thermal_model             ? 
_refine.pdbx_stereochemistry_target_values       'MAXIMUM LIKELIHOOD' 
_refine.pdbx_stereochem_target_val_spec_case     ? 
_refine.pdbx_R_Free_selection_details            RANDOM 
_refine.pdbx_overall_ESU_R                       0.067 
_refine.pdbx_overall_ESU_R_Free                  0.051 
_refine.overall_SU_ML                            0.242 
_refine.overall_SU_B                             11.144 
_refine.ls_redundancy_reflns_obs                 ? 
_refine.B_iso_min                                ? 
_refine.B_iso_max                                ? 
_refine.overall_SU_R_Cruickshank_DPI             ? 
_refine.overall_SU_R_free                        ? 
_refine.ls_wR_factor_R_free                      ? 
_refine.ls_wR_factor_R_work                      ? 
_refine.overall_FOM_free_R_set                   ? 
_refine.overall_FOM_work_R_set                   ? 
_refine.pdbx_overall_phase_error                 ? 
_refine.pdbx_refine_id                           'X-RAY DIFFRACTION' 
_refine.pdbx_diffrn_id                           1 
_refine.pdbx_TLS_residual_ADP_flag               ? 
_refine.pdbx_overall_SU_R_free_Cruickshank_DPI   ? 
_refine.pdbx_overall_SU_R_Blow_DPI               ? 
_refine.pdbx_overall_SU_R_free_Blow_DPI          ? 
# 
_refine_hist.pdbx_refine_id                   'X-RAY DIFFRACTION' 
_refine_hist.cycle_id                         LAST 
_refine_hist.pdbx_number_atoms_protein        678 
_refine_hist.pdbx_number_atoms_nucleic_acid   0 
_refine_hist.pdbx_number_atoms_ligand         10 
_refine_hist.number_atoms_solvent             4 
_refine_hist.number_atoms_total               692 
_refine_hist.d_res_high                       2.00 
_refine_hist.d_res_low                        17.29 
# 
loop_
_refine_ls_restr.type 
_refine_ls_restr.dev_ideal 
_refine_ls_restr.dev_ideal_target 
_refine_ls_restr.weight 
_refine_ls_restr.number 
_refine_ls_restr.pdbx_refine_id 
_refine_ls_restr.pdbx_restraint_function 
r_bond_refined_d             0.026  0.022  ? 691  'X-RAY DIFFRACTION' ? 
r_bond_other_d               0.001  0.020  ? 680  'X-RAY DIFFRACTION' ? 
r_angle_refined_deg          2.459  2.001  ? 933  'X-RAY DIFFRACTION' ? 
r_angle_other_deg            0.884  3.000  ? 1571 'X-RAY DIFFRACTION' ? 
r_dihedral_angle_1_deg       6.895  5.000  ? 95   'X-RAY DIFFRACTION' ? 
r_dihedral_angle_2_deg       31.299 24.091 ? 22   'X-RAY DIFFRACTION' ? 
r_dihedral_angle_3_deg       23.738 15.000 ? 119  'X-RAY DIFFRACTION' ? 
r_dihedral_angle_4_deg       8.199  15.000 ? 5    'X-RAY DIFFRACTION' ? 
r_chiral_restr               0.129  0.200  ? 113  'X-RAY DIFFRACTION' ? 
r_gen_planes_refined         0.007  0.020  ? 768  'X-RAY DIFFRACTION' ? 
r_gen_planes_other           0.000  0.020  ? 121  'X-RAY DIFFRACTION' ? 
r_nbd_refined                ?      ?      ? ?    'X-RAY DIFFRACTION' ? 
r_nbd_other                  ?      ?      ? ?    'X-RAY DIFFRACTION' ? 
r_nbtor_refined              ?      ?      ? ?    'X-RAY DIFFRACTION' ? 
r_nbtor_other                ?      ?      ? ?    'X-RAY DIFFRACTION' ? 
r_xyhbond_nbd_refined        ?      ?      ? ?    'X-RAY DIFFRACTION' ? 
r_xyhbond_nbd_other          ?      ?      ? ?    'X-RAY DIFFRACTION' ? 
r_metal_ion_refined          ?      ?      ? ?    'X-RAY DIFFRACTION' ? 
r_metal_ion_other            ?      ?      ? ?    'X-RAY DIFFRACTION' ? 
r_symmetry_vdw_refined       ?      ?      ? ?    'X-RAY DIFFRACTION' ? 
r_symmetry_vdw_other         ?      ?      ? ?    'X-RAY DIFFRACTION' ? 
r_symmetry_hbond_refined     ?      ?      ? ?    'X-RAY DIFFRACTION' ? 
r_symmetry_hbond_other       ?      ?      ? ?    'X-RAY DIFFRACTION' ? 
r_symmetry_metal_ion_refined ?      ?      ? ?    'X-RAY DIFFRACTION' ? 
r_symmetry_metal_ion_other   ?      ?      ? ?    'X-RAY DIFFRACTION' ? 
r_mcbond_it                  1.153  1.500  ? 470  'X-RAY DIFFRACTION' ? 
r_mcbond_other               0.234  1.500  ? 203  'X-RAY DIFFRACTION' ? 
r_mcangle_it                 2.043  2.000  ? 742  'X-RAY DIFFRACTION' ? 
r_scbond_it                  3.072  3.000  ? 221  'X-RAY DIFFRACTION' ? 
r_scangle_it                 5.178  4.500  ? 191  'X-RAY DIFFRACTION' ? 
r_rigid_bond_restr           ?      ?      ? ?    'X-RAY DIFFRACTION' ? 
r_sphericity_free            ?      ?      ? ?    'X-RAY DIFFRACTION' ? 
r_sphericity_bonded          ?      ?      ? ?    'X-RAY DIFFRACTION' ? 
# 
_refine_ls_shell.pdbx_total_number_of_bins_used   20 
_refine_ls_shell.d_res_high                       2.000 
_refine_ls_shell.d_res_low                        2.051 
_refine_ls_shell.number_reflns_R_work             394 
_refine_ls_shell.R_factor_R_work                  0.221 
_refine_ls_shell.percent_reflns_obs               100.00 
_refine_ls_shell.R_factor_R_free                  0.265 
_refine_ls_shell.R_factor_R_free_error            ? 
_refine_ls_shell.percent_reflns_R_free            ? 
_refine_ls_shell.number_reflns_R_free             16 
_refine_ls_shell.number_reflns_all                ? 
_refine_ls_shell.R_factor_all                     ? 
_refine_ls_shell.number_reflns_obs                ? 
_refine_ls_shell.redundancy_reflns_obs            ? 
_refine_ls_shell.pdbx_refine_id                   'X-RAY DIFFRACTION' 
# 
_struct.entry_id                  3MPY 
_struct.title                     'Structure of EUTM in 2-D protein membrane' 
_struct.pdbx_model_details        ? 
_struct.pdbx_CASP_flag            ? 
_struct.pdbx_model_type_details   ? 
# 
_struct_keywords.entry_id        3MPY 
_struct_keywords.pdbx_keywords   'MEMBRANE PROTEIN' 
_struct_keywords.text            
'Bacterial microcompartment, shell protein, ethanolamine ammonia lyase, carboxysome, MEMBRANE PROTEIN' 
# 
loop_
_struct_asym.id 
_struct_asym.pdbx_blank_PDB_chainid_flag 
_struct_asym.pdbx_modified 
_struct_asym.entity_id 
_struct_asym.details 
A N N 1 ? 
B N N 2 ? 
C N N 2 ? 
D N N 3 ? 
# 
_struct_biol.id        1 
_struct_biol.details   ? 
# 
loop_
_struct_conf.conf_type_id 
_struct_conf.id 
_struct_conf.pdbx_PDB_helix_id 
_struct_conf.beg_label_comp_id 
_struct_conf.beg_label_asym_id 
_struct_conf.beg_label_seq_id 
_struct_conf.pdbx_beg_PDB_ins_code 
_struct_conf.end_label_comp_id 
_struct_conf.end_label_asym_id 
_struct_conf.end_label_seq_id 
_struct_conf.pdbx_end_PDB_ins_code 
_struct_conf.beg_auth_comp_id 
_struct_conf.beg_auth_asym_id 
_struct_conf.beg_auth_seq_id 
_struct_conf.end_auth_comp_id 
_struct_conf.end_auth_asym_id 
_struct_conf.end_auth_seq_id 
_struct_conf.pdbx_PDB_helix_class 
_struct_conf.details 
_struct_conf.pdbx_PDB_helix_length 
HELX_P HELX_P1 1 GLY A 11 ? ALA A 26 ? GLY A 11 ALA A 26 1 ? 16 
HELX_P HELX_P2 2 ASP A 48 ? GLY A 67 ? ASP A 48 GLY A 67 1 ? 20 
HELX_P HELX_P3 3 GLY A 80 ? PHE A 86 ? GLY A 80 PHE A 86 1 ? 7  
# 
_struct_conf_type.id          HELX_P 
_struct_conf_type.criteria    ? 
_struct_conf_type.reference   ? 
# 
_struct_sheet.id               A 
_struct_sheet.type             ? 
_struct_sheet.number_strands   4 
_struct_sheet.details          ? 
# 
loop_
_struct_sheet_order.sheet_id 
_struct_sheet_order.range_id_1 
_struct_sheet_order.range_id_2 
_struct_sheet_order.offset 
_struct_sheet_order.sense 
A 1 2 ? anti-parallel 
A 2 3 ? anti-parallel 
A 3 4 ? anti-parallel 
# 
loop_
_struct_sheet_range.sheet_id 
_struct_sheet_range.id 
_struct_sheet_range.beg_label_comp_id 
_struct_sheet_range.beg_label_asym_id 
_struct_sheet_range.beg_label_seq_id 
_struct_sheet_range.pdbx_beg_PDB_ins_code 
_struct_sheet_range.end_label_comp_id 
_struct_sheet_range.end_label_asym_id 
_struct_sheet_range.end_label_seq_id 
_struct_sheet_range.pdbx_end_PDB_ins_code 
_struct_sheet_range.beg_auth_comp_id 
_struct_sheet_range.beg_auth_asym_id 
_struct_sheet_range.beg_auth_seq_id 
_struct_sheet_range.end_auth_comp_id 
_struct_sheet_range.end_auth_asym_id 
_struct_sheet_range.end_auth_seq_id 
A 1 VAL A 28 ? GLN A 35 ? VAL A 28 GLN A 35 
A 2 LEU A 40 ? GLY A 47 ? LEU A 40 GLY A 47 
A 3 ALA A 3  ? ARG A 10 ? ALA A 3  ARG A 10 
A 4 LEU A 69 ? ILE A 75 ? LEU A 69 ILE A 75 
# 
loop_
_pdbx_struct_sheet_hbond.sheet_id 
_pdbx_struct_sheet_hbond.range_id_1 
_pdbx_struct_sheet_hbond.range_id_2 
_pdbx_struct_sheet_hbond.range_1_label_atom_id 
_pdbx_struct_sheet_hbond.range_1_label_comp_id 
_pdbx_struct_sheet_hbond.range_1_label_asym_id 
_pdbx_struct_sheet_hbond.range_1_label_seq_id 
_pdbx_struct_sheet_hbond.range_1_PDB_ins_code 
_pdbx_struct_sheet_hbond.range_1_auth_atom_id 
_pdbx_struct_sheet_hbond.range_1_auth_comp_id 
_pdbx_struct_sheet_hbond.range_1_auth_asym_id 
_pdbx_struct_sheet_hbond.range_1_auth_seq_id 
_pdbx_struct_sheet_hbond.range_2_label_atom_id 
_pdbx_struct_sheet_hbond.range_2_label_comp_id 
_pdbx_struct_sheet_hbond.range_2_label_asym_id 
_pdbx_struct_sheet_hbond.range_2_label_seq_id 
_pdbx_struct_sheet_hbond.range_2_PDB_ins_code 
_pdbx_struct_sheet_hbond.range_2_auth_atom_id 
_pdbx_struct_sheet_hbond.range_2_auth_comp_id 
_pdbx_struct_sheet_hbond.range_2_auth_asym_id 
_pdbx_struct_sheet_hbond.range_2_auth_seq_id 
A 1 2 N LYS A 29 ? N LYS A 29 O ARG A 46 ? O ARG A 46 
A 2 3 O CYS A 41 ? O CYS A 41 N THR A 9  ? N THR A 9  
A 3 4 N LEU A 4  ? N LEU A 4  O ILE A 75 ? O ILE A 75 
# 
loop_
_struct_site.id 
_struct_site.pdbx_evidence_code 
_struct_site.pdbx_auth_asym_id 
_struct_site.pdbx_auth_comp_id 
_struct_site.pdbx_auth_seq_id 
_struct_site.pdbx_auth_ins_code 
_struct_site.pdbx_num_residues 
_struct_site.details 
AC1 Software A SO4 104 ? 4 'BINDING SITE FOR RESIDUE SO4 A 104' 
AC2 Software A SO4 200 ? 7 'BINDING SITE FOR RESIDUE SO4 A 200' 
# 
loop_
_struct_site_gen.id 
_struct_site_gen.site_id 
_struct_site_gen.pdbx_num_res 
_struct_site_gen.label_comp_id 
_struct_site_gen.label_asym_id 
_struct_site_gen.label_seq_id 
_struct_site_gen.pdbx_auth_ins_code 
_struct_site_gen.auth_comp_id 
_struct_site_gen.auth_asym_id 
_struct_site_gen.auth_seq_id 
_struct_site_gen.label_atom_id 
_struct_site_gen.label_alt_id 
_struct_site_gen.symmetry 
_struct_site_gen.details 
1  AC1 4 LYS A 24 ? LYS A 24  . ? 3_565 ? 
2  AC1 4 ARG A 77 ? ARG A 77  . ? 1_555 ? 
3  AC1 4 HOH D .  ? HOH A 202 . ? 4_565 ? 
4  AC1 4 HOH D .  ? HOH A 202 . ? 1_555 ? 
5  AC2 7 GLY A 37 ? GLY A 37  . ? 2_555 ? 
6  AC2 7 GLY A 38 ? GLY A 38  . ? 3_555 ? 
7  AC2 7 GLY A 38 ? GLY A 38  . ? 5_555 ? 
8  AC2 7 GLY A 38 ? GLY A 38  . ? 4_555 ? 
9  AC2 7 GLY A 38 ? GLY A 38  . ? 6_555 ? 
10 AC2 7 GLY A 38 ? GLY A 38  . ? 1_555 ? 
11 AC2 7 GLY A 38 ? GLY A 38  . ? 2_555 ? 
# 
_atom_sites.entry_id                    3MPY 
_atom_sites.fract_transf_matrix[1][1]   -0.00940686 
_atom_sites.fract_transf_matrix[1][2]   -0.01218569 
_atom_sites.fract_transf_matrix[1][3]   -0.00646088 
_atom_sites.fract_transf_matrix[2][1]   0.00665069 
_atom_sites.fract_transf_matrix[2][2]   -0.01083270 
_atom_sites.fract_transf_matrix[2][3]   -0.01082330 
_atom_sites.fract_transf_matrix[3][1]   0.00885825 
_atom_sites.fract_transf_matrix[3][2]   -0.02071902 
_atom_sites.fract_transf_matrix[3][3]   0.02618021 
_atom_sites.fract_transf_vector[1]      0.177895 
_atom_sites.fract_transf_vector[2]      0.353279 
_atom_sites.fract_transf_vector[3]      0.026401 
# 
loop_
_atom_type.symbol 
C 
N 
O 
S 
# 
loop_
_atom_site.group_PDB 
_atom_site.id 
_atom_site.type_symbol 
_atom_site.label_atom_id 
_atom_site.label_alt_id 
_atom_site.label_comp_id 
_atom_site.label_asym_id 
_atom_site.label_entity_id 
_atom_site.label_seq_id 
_atom_site.pdbx_PDB_ins_code 
_atom_site.Cartn_x 
_atom_site.Cartn_y 
_atom_site.Cartn_z 
_atom_site.occupancy 
_atom_site.B_iso_or_equiv 
_atom_site.pdbx_formal_charge 
_atom_site.auth_seq_id 
_atom_site.auth_comp_id 
_atom_site.auth_asym_id 
_atom_site.auth_atom_id 
_atom_site.pdbx_PDB_model_num 
ATOM   1   N N   . GLU A 1 2  ? 12.824  -6.504  0.863   1.00 32.46  ? 2   GLU A N   1 
ATOM   2   C CA  . GLU A 1 2  ? 11.620  -6.522  -0.039  1.00 32.03  ? 2   GLU A CA  1 
ATOM   3   C C   . GLU A 1 2  ? 11.237  -5.143  -0.483  1.00 30.48  ? 2   GLU A C   1 
ATOM   4   O O   . GLU A 1 2  ? 11.342  -4.190  0.291   1.00 30.59  ? 2   GLU A O   1 
ATOM   5   C CB  . GLU A 1 2  ? 10.445  -7.067  0.736   1.00 32.75  ? 2   GLU A CB  1 
ATOM   6   C CG  . GLU A 1 2  ? 9.611   -7.947  -0.053  1.00 35.17  ? 2   GLU A CG  1 
ATOM   7   C CD  . GLU A 1 2  ? 9.674   -9.285  0.515   1.00 34.23  ? 2   GLU A CD  1 
ATOM   8   O OE1 . GLU A 1 2  ? 9.816   -10.256 -0.252  1.00 38.77  ? 2   GLU A OE1 1 
ATOM   9   O OE2 . GLU A 1 2  ? 9.569   -9.337  1.742   1.00 41.46  ? 2   GLU A OE2 1 
ATOM   10  N N   . ALA A 1 3  ? 10.684  -5.027  -1.685  1.00 29.52  ? 3   ALA A N   1 
ATOM   11  C CA  . ALA A 1 3  ? 10.273  -3.715  -2.147  1.00 27.60  ? 3   ALA A CA  1 
ATOM   12  C C   . ALA A 1 3  ? 9.050   -3.273  -1.357  1.00 27.30  ? 3   ALA A C   1 
ATOM   13  O O   . ALA A 1 3  ? 8.522   -4.036  -0.580  1.00 25.54  ? 3   ALA A O   1 
ATOM   14  C CB  . ALA A 1 3  ? 10.007  -3.701  -3.604  1.00 26.07  ? 3   ALA A CB  1 
ATOM   15  N N   . LEU A 1 4  ? 8.592   -2.053  -1.628  1.00 27.65  ? 4   LEU A N   1 
ATOM   16  C CA  . LEU A 1 4  ? 7.451   -1.456  -0.932  1.00 27.62  ? 4   LEU A CA  1 
ATOM   17  C C   . LEU A 1 4  ? 6.501   -0.859  -1.976  1.00 28.42  ? 4   LEU A C   1 
ATOM   18  O O   . LEU A 1 4  ? 6.958   -0.181  -2.887  1.00 28.44  ? 4   LEU A O   1 
ATOM   19  C CB  . LEU A 1 4  ? 7.975   -0.380  0.050   1.00 26.42  ? 4   LEU A CB  1 
ATOM   20  C CG  . LEU A 1 4  ? 7.211   0.315   1.201   1.00 27.50  ? 4   LEU A CG  1 
ATOM   21  C CD1 . LEU A 1 4  ? 7.148   1.812   1.087   1.00 27.28  ? 4   LEU A CD1 1 
ATOM   22  C CD2 . LEU A 1 4  ? 5.906   -0.307  1.487   1.00 21.25  ? 4   LEU A CD2 1 
ATOM   23  N N   . GLY A 1 5  ? 5.199   -1.110  -1.865  1.00 27.98  ? 5   GLY A N   1 
ATOM   24  C CA  . GLY A 1 5  ? 4.245   -0.501  -2.806  1.00 28.07  ? 5   GLY A CA  1 
ATOM   25  C C   . GLY A 1 5  ? 3.253   0.226   -1.942  1.00 27.90  ? 5   GLY A C   1 
ATOM   26  O O   . GLY A 1 5  ? 3.086   -0.102  -0.811  1.00 25.75  ? 5   GLY A O   1 
ATOM   27  N N   . MET A 1 6  ? 2.639   1.260   -2.469  1.00 28.73  ? 6   MET A N   1 
ATOM   28  C CA  . MET A 1 6  ? 1.769   2.053   -1.675  1.00 29.90  ? 6   MET A CA  1 
ATOM   29  C C   . MET A 1 6  ? 0.727   2.662   -2.571  1.00 29.93  ? 6   MET A C   1 
ATOM   30  O O   . MET A 1 6  ? 0.982   2.973   -3.732  1.00 29.43  ? 6   MET A O   1 
ATOM   31  C CB  . MET A 1 6  ? 2.521   3.200   -0.984  1.00 31.44  ? 6   MET A CB  1 
ATOM   32  C CG  . MET A 1 6  ? 3.764   2.802   -0.133  1.00 36.36  ? 6   MET A CG  1 
ATOM   33  S SD  . MET A 1 6  ? 4.766   4.231   0.256   1.00 41.98  ? 6   MET A SD  1 
ATOM   34  C CE  . MET A 1 6  ? 4.012   4.742   1.806   1.00 43.72  ? 6   MET A CE  1 
ATOM   35  N N   . ILE A 1 7  ? -0.459  2.851   -2.008  1.00 29.95  ? 7   ILE A N   1 
ATOM   36  C CA  . ILE A 1 7  ? -1.588  3.382   -2.729  1.00 30.01  ? 7   ILE A CA  1 
ATOM   37  C C   . ILE A 1 7  ? -2.197  4.293   -1.741  1.00 30.04  ? 7   ILE A C   1 
ATOM   38  O O   . ILE A 1 7  ? -2.251  3.968   -0.547  1.00 28.00  ? 7   ILE A O   1 
ATOM   39  C CB  . ILE A 1 7  ? -2.644  2.307   -3.078  1.00 29.51  ? 7   ILE A CB  1 
ATOM   40  C CG1 . ILE A 1 7  ? -2.081  1.248   -3.985  1.00 32.80  ? 7   ILE A CG1 1 
ATOM   41  C CG2 . ILE A 1 7  ? -3.771  2.900   -3.840  1.00 31.00  ? 7   ILE A CG2 1 
ATOM   42  C CD1 . ILE A 1 7  ? -2.900  1.089   -5.266  1.00 29.70  ? 7   ILE A CD1 1 
ATOM   43  N N   . GLU A 1 8  ? -2.595  5.464   -2.201  1.00 31.71  ? 8   GLU A N   1 
ATOM   44  C CA  . GLU A 1 8  ? -3.313  6.377   -1.369  1.00 34.03  ? 8   GLU A CA  1 
ATOM   45  C C   . GLU A 1 8  ? -4.671  6.550   -1.996  1.00 35.38  ? 8   GLU A C   1 
ATOM   46  O O   . GLU A 1 8  ? -4.800  6.608   -3.207  1.00 36.07  ? 8   GLU A O   1 
ATOM   47  C CB  . GLU A 1 8  ? -2.564  7.706   -1.305  1.00 34.59  ? 8   GLU A CB  1 
ATOM   48  C CG  . GLU A 1 8  ? -2.817  8.566   -0.130  1.00 39.41  ? 8   GLU A CG  1 
ATOM   49  C CD  . GLU A 1 8  ? -1.649  9.555   0.117   1.00 47.86  ? 8   GLU A CD  1 
ATOM   50  O OE1 . GLU A 1 8  ? -0.868  9.906   -0.839  1.00 49.37  ? 8   GLU A OE1 1 
ATOM   51  O OE2 . GLU A 1 8  ? -1.521  9.994   1.290   1.00 52.11  ? 8   GLU A OE2 1 
ATOM   52  N N   . THR A 1 9  ? -5.691  6.683   -1.181  1.00 36.41  ? 9   THR A N   1 
ATOM   53  C CA  . THR A 1 9  ? -7.008  6.893   -1.744  1.00 36.91  ? 9   THR A CA  1 
ATOM   54  C C   . THR A 1 9  ? -7.692  8.002   -0.917  1.00 37.00  ? 9   THR A C   1 
ATOM   55  O O   . THR A 1 9  ? -7.300  8.236   0.203   1.00 34.78  ? 9   THR A O   1 
ATOM   56  C CB  . THR A 1 9  ? -7.726  5.513   -1.814  1.00 37.37  ? 9   THR A CB  1 
ATOM   57  O OG1 . THR A 1 9  ? -7.466  4.905   -3.095  1.00 38.32  ? 9   THR A OG1 1 
ATOM   58  C CG2 . THR A 1 9  ? -9.191  5.611   -1.589  1.00 37.86  ? 9   THR A CG2 1 
ATOM   59  N N   . ARG A 1 10 ? -8.639  8.745   -1.498  1.00 37.15  ? 10  ARG A N   1 
ATOM   60  C CA  . ARG A 1 10 ? -9.497  9.582   -0.693  1.00 39.57  ? 10  ARG A CA  1 
ATOM   61  C C   . ARG A 1 10 ? -10.864 8.893   -0.590  1.00 38.90  ? 10  ARG A C   1 
ATOM   62  O O   . ARG A 1 10 ? -11.673 8.930   -1.551  1.00 39.77  ? 10  ARG A O   1 
ATOM   63  C CB  . ARG A 1 10 ? -9.647  11.003  -1.291  1.00 40.68  ? 10  ARG A CB  1 
ATOM   64  C CG  . ARG A 1 10 ? -10.563 11.992  -0.479  1.00 44.88  ? 10  ARG A CG  1 
ATOM   65  C CD  . ARG A 1 10 ? -10.458 13.458  -0.990  1.00 50.05  ? 10  ARG A CD  1 
ATOM   66  N NE  . ARG A 1 10 ? -9.096  13.969  -0.894  1.00 55.33  ? 10  ARG A NE  1 
ATOM   67  C CZ  . ARG A 1 10 ? -8.597  14.536  0.196   1.00 58.82  ? 10  ARG A CZ  1 
ATOM   68  N NH1 . ARG A 1 10 ? -9.363  14.664  1.274   1.00 60.91  ? 10  ARG A NH1 1 
ATOM   69  N NH2 . ARG A 1 10 ? -7.333  14.947  0.221   1.00 59.26  ? 10  ARG A NH2 1 
ATOM   70  N N   . GLY A 1 11 ? -11.082 8.289   0.581   1.00 37.98  ? 11  GLY A N   1 
ATOM   71  C CA  . GLY A 1 11 ? -12.167 7.344   0.842   1.00 37.15  ? 11  GLY A CA  1 
ATOM   72  C C   . GLY A 1 11 ? -11.604 5.962   1.157   1.00 36.49  ? 11  GLY A C   1 
ATOM   73  O O   . GLY A 1 11 ? -10.707 5.489   0.489   1.00 37.54  ? 11  GLY A O   1 
ATOM   74  N N   . LEU A 1 12 ? -12.166 5.312   2.156   1.00 34.46  ? 12  LEU A N   1 
ATOM   75  C CA  . LEU A 1 12 ? -11.697 4.026   2.645   1.00 33.39  ? 12  LEU A CA  1 
ATOM   76  C C   . LEU A 1 12 ? -12.220 2.835   1.853   1.00 33.47  ? 12  LEU A C   1 
ATOM   77  O O   . LEU A 1 12 ? -11.585 1.801   1.858   1.00 33.06  ? 12  LEU A O   1 
ATOM   78  C CB  . LEU A 1 12 ? -12.096 3.882   4.106   1.00 33.10  ? 12  LEU A CB  1 
ATOM   79  C CG  . LEU A 1 12 ? -11.748 2.610   4.871   1.00 31.02  ? 12  LEU A CG  1 
ATOM   80  C CD1 . LEU A 1 12 ? -10.314 2.407   4.706   1.00 32.10  ? 12  LEU A CD1 1 
ATOM   81  C CD2 . LEU A 1 12 ? -12.049 2.770   6.329   1.00 32.52  ? 12  LEU A CD2 1 
ATOM   82  N N   . VAL A 1 13 ? -13.379 2.921   1.182   1.00 32.93  ? 13  VAL A N   1 
ATOM   83  C CA  . VAL A 1 13 ? -13.778 1.775   0.431   1.00 31.50  ? 13  VAL A CA  1 
ATOM   84  C C   . VAL A 1 13 ? -12.927 1.666   -0.856  1.00 31.30  ? 13  VAL A C   1 
ATOM   85  O O   . VAL A 1 13 ? -12.556 0.567   -1.211  1.00 29.02  ? 13  VAL A O   1 
ATOM   86  C CB  . VAL A 1 13 ? -15.299 1.636   0.183   1.00 32.61  ? 13  VAL A CB  1 
ATOM   87  C CG1 . VAL A 1 13 ? -16.091 1.835   1.487   1.00 31.31  ? 13  VAL A CG1 1 
ATOM   88  C CG2 . VAL A 1 13 ? -15.710 2.560   -0.823  1.00 34.18  ? 13  VAL A CG2 1 
ATOM   89  N N   . ALA A 1 14 ? -12.536 2.763   -1.513  1.00 31.41  ? 14  ALA A N   1 
ATOM   90  C CA  . ALA A 1 14 ? -11.577 2.602   -2.626  1.00 31.14  ? 14  ALA A CA  1 
ATOM   91  C C   . ALA A 1 14 ? -10.338 1.814   -2.211  1.00 30.20  ? 14  ALA A C   1 
ATOM   92  O O   . ALA A 1 14 ? -9.824  0.955   -2.961  1.00 28.95  ? 14  ALA A O   1 
ATOM   93  C CB  . ALA A 1 14 ? -11.139 3.969   -3.188  1.00 31.34  ? 14  ALA A CB  1 
ATOM   94  N N   . LEU A 1 15 ? -9.868  2.140   -1.010  1.00 30.47  ? 15  LEU A N   1 
ATOM   95  C CA  . LEU A 1 15 ? -8.601  1.667   -0.467  1.00 30.72  ? 15  LEU A CA  1 
ATOM   96  C C   . LEU A 1 15 ? -8.664  0.220   -0.048  1.00 31.36  ? 15  LEU A C   1 
ATOM   97  O O   . LEU A 1 15 ? -7.720  -0.517  -0.266  1.00 30.11  ? 15  LEU A O   1 
ATOM   98  C CB  . LEU A 1 15 ? -8.180  2.511   0.717   1.00 31.47  ? 15  LEU A CB  1 
ATOM   99  C CG  . LEU A 1 15 ? -6.747  2.198   1.098   1.00 32.16  ? 15  LEU A CG  1 
ATOM   100 C CD1 . LEU A 1 15 ? -5.884  2.905   0.070   1.00 28.90  ? 15  LEU A CD1 1 
ATOM   101 C CD2 . LEU A 1 15 ? -6.415  2.559   2.583   1.00 32.27  ? 15  LEU A CD2 1 
ATOM   102 N N   . ILE A 1 16 ? -9.793  -0.205  0.498   1.00 30.77  ? 16  ILE A N   1 
ATOM   103 C CA  . ILE A 1 16 ? -9.945  -1.616  0.834   1.00 32.13  ? 16  ILE A CA  1 
ATOM   104 C C   . ILE A 1 16 ? -10.020 -2.473  -0.416  1.00 32.12  ? 16  ILE A C   1 
ATOM   105 O O   . ILE A 1 16 ? -9.507  -3.551  -0.433  1.00 31.15  ? 16  ILE A O   1 
ATOM   106 C CB  . ILE A 1 16 ? -11.182 -1.853  1.674   1.00 30.80  ? 16  ILE A CB  1 
ATOM   107 C CG1 . ILE A 1 16 ? -11.342 -3.290  2.048   1.00 29.76  ? 16  ILE A CG1 1 
ATOM   108 C CG2 . ILE A 1 16 ? -12.328 -1.527  0.820   1.00 34.77  ? 16  ILE A CG2 1 
ATOM   109 C CD1 . ILE A 1 16 ? -11.717 -4.124  0.946   1.00 28.09  ? 16  ILE A CD1 1 
ATOM   110 N N   . GLU A 1 17 ? -10.685 -1.975  -1.455  1.00 33.07  ? 17  GLU A N   1 
ATOM   111 C CA  . GLU A 1 17 ? -10.798 -2.637  -2.735  1.00 34.00  ? 17  GLU A CA  1 
ATOM   112 C C   . GLU A 1 17 ? -9.495  -2.640  -3.475  1.00 32.39  ? 17  GLU A C   1 
ATOM   113 O O   . GLU A 1 17 ? -9.127  -3.645  -4.034  1.00 31.73  ? 17  GLU A O   1 
ATOM   114 C CB  . GLU A 1 17 ? -11.879 -1.923  -3.584  1.00 35.73  ? 17  GLU A CB  1 
ATOM   115 C CG  . GLU A 1 17 ? -11.591 -1.742  -5.085  1.00 40.34  ? 17  GLU A CG  1 
ATOM   116 C CD  . GLU A 1 17 ? -12.589 -2.463  -6.009  1.00 46.19  ? 17  GLU A CD  1 
ATOM   117 O OE1 . GLU A 1 17 ? -13.133 -3.517  -5.606  1.00 52.63  ? 17  GLU A OE1 1 
ATOM   118 O OE2 . GLU A 1 17 ? -12.821 -1.989  -7.149  1.00 48.87  ? 17  GLU A OE2 1 
ATOM   119 N N   . ALA A 1 18 ? -8.827  -1.503  -3.531  1.00 30.73  ? 18  ALA A N   1 
ATOM   120 C CA  . ALA A 1 18 ? -7.472  -1.454  -4.055  1.00 30.30  ? 18  ALA A CA  1 
ATOM   121 C C   . ALA A 1 18 ? -6.576  -2.485  -3.346  1.00 30.36  ? 18  ALA A C   1 
ATOM   122 O O   . ALA A 1 18 ? -5.854  -3.213  -3.991  1.00 30.92  ? 18  ALA A O   1 
ATOM   123 C CB  . ALA A 1 18 ? -6.891  -0.062  -3.904  1.00 29.43  ? 18  ALA A CB  1 
ATOM   124 N N   . SER A 1 19 ? -6.579  -2.534  -2.032  1.00 31.17  ? 19  SER A N   1 
ATOM   125 C CA  . SER A 1 19 ? -5.787  -3.568  -1.341  1.00 30.64  ? 19  SER A CA  1 
ATOM   126 C C   . SER A 1 19 ? -6.111  -5.025  -1.696  1.00 31.29  ? 19  SER A C   1 
ATOM   127 O O   . SER A 1 19 ? -5.264  -5.896  -1.562  1.00 30.35  ? 19  SER A O   1 
ATOM   128 C CB  . SER A 1 19 ? -5.904  -3.460  0.182   1.00 31.21  ? 19  SER A CB  1 
ATOM   129 O OG  . SER A 1 19 ? -5.374  -2.236  0.711   1.00 30.27  ? 19  SER A OG  1 
ATOM   130 N N   . ASP A 1 20 ? -7.354  -5.342  -2.023  1.00 32.60  ? 20  ASP A N   1 
ATOM   131 C CA  . ASP A 1 20 ? -7.750  -6.740  -2.169  1.00 33.20  ? 20  ASP A CA  1 
ATOM   132 C C   . ASP A 1 20 ? -7.233  -7.166  -3.506  1.00 34.05  ? 20  ASP A C   1 
ATOM   133 O O   . ASP A 1 20 ? -6.864  -8.324  -3.707  1.00 33.22  ? 20  ASP A O   1 
ATOM   134 C CB  . ASP A 1 20 ? -9.264  -6.889  -2.087  1.00 33.80  ? 20  ASP A CB  1 
ATOM   135 C CG  . ASP A 1 20 ? -9.722  -8.328  -2.204  1.00 34.67  ? 20  ASP A CG  1 
ATOM   136 O OD1 . ASP A 1 20 ? -9.641  -9.122  -1.237  1.00 35.57  ? 20  ASP A OD1 1 
ATOM   137 O OD2 . ASP A 1 20 ? -10.196 -8.670  -3.269  1.00 35.62  ? 20  ASP A OD2 1 
ATOM   138 N N   . ALA A 1 21 ? -7.186  -6.153  -4.381  1.00 34.53  ? 21  ALA A N   1 
ATOM   139 C CA  . ALA A 1 21 ? -6.694  -6.218  -5.740  1.00 34.28  ? 21  ALA A CA  1 
ATOM   140 C C   . ALA A 1 21 ? -5.167  -6.431  -5.795  1.00 34.05  ? 21  ALA A C   1 
ATOM   141 O O   . ALA A 1 21 ? -4.670  -7.303  -6.517  1.00 33.85  ? 21  ALA A O   1 
ATOM   142 C CB  . ALA A 1 21 ? -7.105  -4.939  -6.495  1.00 34.70  ? 21  ALA A CB  1 
ATOM   143 N N   . MET A 1 22 ? -4.441  -5.698  -4.965  1.00 33.28  ? 22  MET A N   1 
ATOM   144 C CA  . MET A 1 22 ? -3.011  -5.756  -4.948  1.00 32.29  ? 22  MET A CA  1 
ATOM   145 C C   . MET A 1 22 ? -2.581  -7.141  -4.611  1.00 33.02  ? 22  MET A C   1 
ATOM   146 O O   . MET A 1 22 ? -1.862  -7.810  -5.338  1.00 33.12  ? 22  MET A O   1 
ATOM   147 C CB  . MET A 1 22 ? -2.526  -4.760  -3.917  1.00 31.45  ? 22  MET A CB  1 
ATOM   148 C CG  . MET A 1 22 ? -2.547  -3.412  -4.430  1.00 33.09  ? 22  MET A CG  1 
ATOM   149 S SD  . MET A 1 22 ? -1.555  -2.384  -3.444  1.00 39.31  ? 22  MET A SD  1 
ATOM   150 C CE  . MET A 1 22 ? -1.100  -1.052  -4.528  1.00 41.15  ? 22  MET A CE  1 
ATOM   151 N N   . VAL A 1 23 ? -3.086  -7.555  -3.472  1.00 34.52  ? 23  VAL A N   1 
ATOM   152 C CA  . VAL A 1 23 ? -2.824  -8.832  -2.835  1.00 35.23  ? 23  VAL A CA  1 
ATOM   153 C C   . VAL A 1 23 ? -3.283  -10.100 -3.649  1.00 35.37  ? 23  VAL A C   1 
ATOM   154 O O   . VAL A 1 23 ? -2.694  -11.183 -3.555  1.00 34.90  ? 23  VAL A O   1 
ATOM   155 C CB  . VAL A 1 23 ? -3.543  -8.654  -1.498  1.00 34.69  ? 23  VAL A CB  1 
ATOM   156 C CG1 . VAL A 1 23 ? -4.431  -9.856  -1.094  1.00 37.93  ? 23  VAL A CG1 1 
ATOM   157 C CG2 . VAL A 1 23 ? -2.593  -8.151  -0.453  1.00 33.97  ? 23  VAL A CG2 1 
ATOM   158 N N   . LYS A 1 24 ? -4.324  -9.949  -4.461  1.00 35.66  ? 24  LYS A N   1 
ATOM   159 C CA  . LYS A 1 24 ? -4.789  -11.050 -5.334  1.00 35.86  ? 24  LYS A CA  1 
ATOM   160 C C   . LYS A 1 24 ? -3.976  -11.121 -6.639  1.00 36.56  ? 24  LYS A C   1 
ATOM   161 O O   . LYS A 1 24 ? -3.964  -12.145 -7.351  1.00 35.43  ? 24  LYS A O   1 
ATOM   162 C CB  . LYS A 1 24 ? -6.296  -10.937 -5.660  1.00 36.38  ? 24  LYS A CB  1 
ATOM   163 C CG  . LYS A 1 24 ? -7.183  -10.796 -4.438  1.00 35.49  ? 24  LYS A CG  1 
ATOM   164 C CD  . LYS A 1 24 ? -8.681  -10.857 -4.774  1.00 35.18  ? 24  LYS A CD  1 
ATOM   165 C CE  . LYS A 1 24 ? -9.505  -11.186 -3.546  1.00 34.76  ? 24  LYS A CE  1 
ATOM   166 N NZ  . LYS A 1 24 ? -11.034 -11.272 -3.742  1.00 31.31  ? 24  LYS A NZ  1 
ATOM   167 N N   . ALA A 1 25 ? -3.251  -10.051 -6.941  1.00 36.43  ? 25  ALA A N   1 
ATOM   168 C CA  . ALA A 1 25 ? -2.696  -9.951  -8.261  1.00 37.29  ? 25  ALA A CA  1 
ATOM   169 C C   . ALA A 1 25 ? -1.206  -10.269 -8.325  1.00 37.32  ? 25  ALA A C   1 
ATOM   170 O O   . ALA A 1 25 ? -0.629  -10.378 -9.454  1.00 36.95  ? 25  ALA A O   1 
ATOM   171 C CB  . ALA A 1 25 ? -2.992  -8.571  -8.836  1.00 37.53  ? 25  ALA A CB  1 
ATOM   172 N N   . ALA A 1 26 ? -0.610  -10.445 -7.145  1.00 35.77  ? 26  ALA A N   1 
ATOM   173 C CA  . ALA A 1 26 ? 0.813   -10.633 -7.045  1.00 36.49  ? 26  ALA A CA  1 
ATOM   174 C C   . ALA A 1 26 ? 1.207   -11.227 -5.679  1.00 36.10  ? 26  ALA A C   1 
ATOM   175 O O   . ALA A 1 26 ? 0.401   -11.214 -4.756  1.00 35.83  ? 26  ALA A O   1 
ATOM   176 C CB  . ALA A 1 26 ? 1.518   -9.302  -7.317  1.00 36.24  ? 26  ALA A CB  1 
ATOM   177 N N   . ARG A 1 27 ? 2.436   -11.747 -5.540  1.00 36.06  ? 27  ARG A N   1 
ATOM   178 C CA  . ARG A 1 27 ? 2.860   -12.287 -4.243  1.00 35.46  ? 27  ARG A CA  1 
ATOM   179 C C   . ARG A 1 27 ? 3.325   -11.088 -3.434  1.00 33.89  ? 27  ARG A C   1 
ATOM   180 O O   . ARG A 1 27 ? 4.496   -10.895 -3.271  1.00 32.09  ? 27  ARG A O   1 
ATOM   181 C CB  . ARG A 1 27 ? 4.008   -13.342 -4.340  1.00 36.84  ? 27  ARG A CB  1 
ATOM   182 C CG  . ARG A 1 27 ? 3.803   -14.530 -5.344  1.00 41.93  ? 27  ARG A CG  1 
ATOM   183 C CD  . ARG A 1 27 ? 3.596   -15.982 -4.717  1.00 49.12  ? 27  ARG A CD  1 
ATOM   184 N NE  . ARG A 1 27 ? 2.869   -16.938 -5.606  1.00 55.92  ? 27  ARG A NE  1 
ATOM   185 C CZ  . ARG A 1 27 ? 2.787   -18.265 -5.409  1.00 59.38  ? 27  ARG A CZ  1 
ATOM   186 N NH1 . ARG A 1 27 ? 3.391   -18.821 -4.359  1.00 61.68  ? 27  ARG A NH1 1 
ATOM   187 N NH2 . ARG A 1 27 ? 2.102   -19.047 -6.250  1.00 59.51  ? 27  ARG A NH2 1 
ATOM   188 N N   . VAL A 1 28 ? 2.417   -10.247 -2.979  1.00 32.00  ? 28  VAL A N   1 
ATOM   189 C CA  . VAL A 1 28 ? 2.837   -9.154  -2.089  1.00 31.89  ? 28  VAL A CA  1 
ATOM   190 C C   . VAL A 1 28 ? 2.064   -9.306  -0.844  1.00 30.83  ? 28  VAL A C   1 
ATOM   191 O O   . VAL A 1 28 ? 1.027   -9.936  -0.872  1.00 31.61  ? 28  VAL A O   1 
ATOM   192 C CB  . VAL A 1 28 ? 2.536   -7.784  -2.629  1.00 30.67  ? 28  VAL A CB  1 
ATOM   193 C CG1 . VAL A 1 28 ? 3.259   -7.562  -3.908  1.00 32.14  ? 28  VAL A CG1 1 
ATOM   194 C CG2 . VAL A 1 28 ? 1.052   -7.661  -2.850  1.00 29.54  ? 28  VAL A CG2 1 
ATOM   195 N N   . LYS A 1 29 ? 2.559   -8.739  0.246   1.00 30.63  ? 29  LYS A N   1 
ATOM   196 C CA  . LYS A 1 29 ? 1.900   -8.849  1.508   1.00 30.03  ? 29  LYS A CA  1 
ATOM   197 C C   . LYS A 1 29 ? 1.491   -7.508  2.025   1.00 28.69  ? 29  LYS A C   1 
ATOM   198 O O   . LYS A 1 29 ? 2.284   -6.614  2.067   1.00 27.51  ? 29  LYS A O   1 
ATOM   199 C CB  . LYS A 1 29 ? 2.734   -9.617  2.559   1.00 31.55  ? 29  LYS A CB  1 
ATOM   200 C CG  . LYS A 1 29 ? 2.170   -9.441  3.916   1.00 32.20  ? 29  LYS A CG  1 
ATOM   201 C CD  . LYS A 1 29 ? 1.884   -10.770 4.568   1.00 36.95  ? 29  LYS A CD  1 
ATOM   202 C CE  . LYS A 1 29 ? 1.302   -10.617 5.948   1.00 37.72  ? 29  LYS A CE  1 
ATOM   203 N NZ  . LYS A 1 29 ? 0.407   -9.449  6.182   1.00 37.28  ? 29  LYS A NZ  1 
ATOM   204 N N   . LEU A 1 30 ? 0.218   -7.382  2.385   1.00 28.57  ? 30  LEU A N   1 
ATOM   205 C CA  . LEU A 1 30 ? -0.313  -6.159  3.022   1.00 28.81  ? 30  LEU A CA  1 
ATOM   206 C C   . LEU A 1 30 ? 0.134   -6.122  4.423   1.00 30.17  ? 30  LEU A C   1 
ATOM   207 O O   . LEU A 1 30 ? -0.207  -7.012  5.180   1.00 31.38  ? 30  LEU A O   1 
ATOM   208 C CB  . LEU A 1 30 ? -1.838  -6.119  2.992   1.00 28.17  ? 30  LEU A CB  1 
ATOM   209 C CG  . LEU A 1 30 ? -2.630  -4.887  3.420   1.00 27.39  ? 30  LEU A CG  1 
ATOM   210 C CD1 . LEU A 1 30 ? -2.445  -3.726  2.442   1.00 25.26  ? 30  LEU A CD1 1 
ATOM   211 C CD2 . LEU A 1 30 ? -4.069  -5.142  3.492   1.00 28.36  ? 30  LEU A CD2 1 
ATOM   212 N N   . VAL A 1 31 ? 0.872   -5.054  4.760   1.00 30.60  ? 31  VAL A N   1 
ATOM   213 C CA  . VAL A 1 31 ? 1.573   -4.899  5.993   1.00 30.22  ? 31  VAL A CA  1 
ATOM   214 C C   . VAL A 1 31 ? 1.016   -3.783  6.875   1.00 30.91  ? 31  VAL A C   1 
ATOM   215 O O   . VAL A 1 31 ? 1.222   -3.819  8.051   1.00 32.13  ? 31  VAL A O   1 
ATOM   216 C CB  . VAL A 1 31 ? 3.061   -4.597  5.743   1.00 28.48  ? 31  VAL A CB  1 
ATOM   217 C CG1 . VAL A 1 31 ? 3.668   -5.814  5.202   1.00 29.89  ? 31  VAL A CG1 1 
ATOM   218 C CG2 . VAL A 1 31 ? 3.255   -3.483  4.702   1.00 27.02  ? 31  VAL A CG2 1 
ATOM   219 N N   . GLY A 1 32 ? 0.344   -2.782  6.334   1.00 31.08  ? 32  GLY A N   1 
ATOM   220 C CA  . GLY A 1 32 ? -0.315  -1.826  7.200   1.00 32.36  ? 32  GLY A CA  1 
ATOM   221 C C   . GLY A 1 32 ? -1.018  -0.766  6.401   1.00 32.73  ? 32  GLY A C   1 
ATOM   222 O O   . GLY A 1 32 ? -0.938  -0.775  5.208   1.00 33.67  ? 32  GLY A O   1 
ATOM   223 N N   . VAL A 1 33 ? -1.686  0.154   7.073   1.00 35.00  ? 33  VAL A N   1 
ATOM   224 C CA  . VAL A 1 33 ? -2.547  1.116   6.426   1.00 36.50  ? 33  VAL A CA  1 
ATOM   225 C C   . VAL A 1 33 ? -2.636  2.293   7.335   1.00 37.64  ? 33  VAL A C   1 
ATOM   226 O O   . VAL A 1 33 ? -2.739  2.117   8.515   1.00 38.61  ? 33  VAL A O   1 
ATOM   227 C CB  . VAL A 1 33 ? -3.924  0.566   6.289   1.00 37.10  ? 33  VAL A CB  1 
ATOM   228 C CG1 . VAL A 1 33 ? -4.523  0.339   7.633   1.00 38.49  ? 33  VAL A CG1 1 
ATOM   229 C CG2 . VAL A 1 33 ? -4.778  1.552   5.589   1.00 38.05  ? 33  VAL A CG2 1 
ATOM   230 N N   . LYS A 1 34 ? -2.598  3.507   6.815   1.00 38.58  ? 34  LYS A N   1 
ATOM   231 C CA  . LYS A 1 34 ? -2.513  4.657   7.688   1.00 39.41  ? 34  LYS A CA  1 
ATOM   232 C C   . LYS A 1 34 ? -3.357  5.814   7.156   1.00 39.75  ? 34  LYS A C   1 
ATOM   233 O O   . LYS A 1 34 ? -3.350  6.142   5.985   1.00 38.50  ? 34  LYS A O   1 
ATOM   234 C CB  . LYS A 1 34 ? -1.027  5.001   7.890   1.00 39.96  ? 34  LYS A CB  1 
ATOM   235 C CG  . LYS A 1 34 ? -0.728  6.045   8.887   1.00 39.98  ? 34  LYS A CG  1 
ATOM   236 C CD  . LYS A 1 34 ? -0.518  5.522   10.244  1.00 41.27  ? 34  LYS A CD  1 
ATOM   237 C CE  . LYS A 1 34 ? -0.455  6.724   11.188  1.00 43.90  ? 34  LYS A CE  1 
ATOM   238 N NZ  . LYS A 1 34 ? -1.349  7.846   10.592  1.00 48.91  ? 34  LYS A NZ  1 
ATOM   239 N N   . GLN A 1 35 ? -4.148  6.397   8.025   1.00 40.65  ? 35  GLN A N   1 
ATOM   240 C CA  . GLN A 1 35 ? -4.866  7.572   7.649   1.00 41.88  ? 35  GLN A CA  1 
ATOM   241 C C   . GLN A 1 35 ? -4.224  8.801   8.250   1.00 41.93  ? 35  GLN A C   1 
ATOM   242 O O   . GLN A 1 35 ? -3.593  8.747   9.318   1.00 41.44  ? 35  GLN A O   1 
ATOM   243 C CB  . GLN A 1 35 ? -6.356  7.446   7.970   1.00 42.36  ? 35  GLN A CB  1 
ATOM   244 C CG  . GLN A 1 35 ? -6.768  7.341   9.402   1.00 44.14  ? 35  GLN A CG  1 
ATOM   245 C CD  . GLN A 1 35 ? -7.830  6.248   9.586   1.00 46.24  ? 35  GLN A CD  1 
ATOM   246 O OE1 . GLN A 1 35 ? -8.125  5.831   10.696  1.00 46.83  ? 35  GLN A OE1 1 
ATOM   247 N NE2 . GLN A 1 35 ? -8.388  5.776   8.485   1.00 49.97  ? 35  GLN A NE2 1 
ATOM   248 N N   . ILE A 1 36 ? -4.344  9.899   7.516   1.00 41.67  ? 36  ILE A N   1 
ATOM   249 C CA  . ILE A 1 36 ? -3.775  11.154  7.927   1.00 42.44  ? 36  ILE A CA  1 
ATOM   250 C C   . ILE A 1 36 ? -4.774  12.335  8.055   1.00 42.85  ? 36  ILE A C   1 
ATOM   251 O O   . ILE A 1 36 ? -4.365  13.504  8.033   1.00 42.55  ? 36  ILE A O   1 
ATOM   252 C CB  . ILE A 1 36 ? -2.726  11.608  6.986   1.00 42.59  ? 36  ILE A CB  1 
ATOM   253 C CG1 . ILE A 1 36 ? -1.775  10.494  6.633   1.00 41.93  ? 36  ILE A CG1 1 
ATOM   254 C CG2 . ILE A 1 36 ? -1.971  12.734  7.675   1.00 44.79  ? 36  ILE A CG2 1 
ATOM   255 C CD1 . ILE A 1 36 ? -1.116  9.927   7.855   1.00 45.54  ? 36  ILE A CD1 1 
ATOM   256 N N   . GLY A 1 37 ? -6.066  12.031  8.201   1.00 43.21  ? 37  GLY A N   1 
ATOM   257 C CA  . GLY A 1 37 ? -7.115  13.059  8.271   1.00 42.92  ? 37  GLY A CA  1 
ATOM   258 C C   . GLY A 1 37 ? -7.434  13.521  6.857   1.00 42.00  ? 37  GLY A C   1 
ATOM   259 O O   . GLY A 1 37 ? -6.782  13.115  5.907   1.00 41.96  ? 37  GLY A O   1 
ATOM   260 N N   . GLY A 1 38 ? -8.449  14.352  6.720   1.00 41.64  ? 38  GLY A N   1 
ATOM   261 C CA  . GLY A 1 38 ? -8.788  14.906  5.445   1.00 41.26  ? 38  GLY A CA  1 
ATOM   262 C C   . GLY A 1 38 ? -9.391  13.842  4.615   1.00 41.19  ? 38  GLY A C   1 
ATOM   263 O O   . GLY A 1 38 ? -9.716  14.021  3.443   1.00 42.05  ? 38  GLY A O   1 
ATOM   264 N N   . GLY A 1 39 ? -9.556  12.697  5.237   1.00 41.04  ? 39  GLY A N   1 
ATOM   265 C CA  . GLY A 1 39 ? -10.044 11.538  4.530   1.00 40.05  ? 39  GLY A CA  1 
ATOM   266 C C   . GLY A 1 39 ? -9.014  10.836  3.655   1.00 39.35  ? 39  GLY A C   1 
ATOM   267 O O   . GLY A 1 39 ? -9.391  10.063  2.798   1.00 39.08  ? 39  GLY A O   1 
ATOM   268 N N   . LEU A 1 40 ? -7.727  11.096  3.873   1.00 38.95  ? 40  LEU A N   1 
ATOM   269 C CA  . LEU A 1 40 ? -6.682  10.453  3.087   1.00 37.92  ? 40  LEU A CA  1 
ATOM   270 C C   . LEU A 1 40 ? -6.290  9.172   3.803   1.00 37.32  ? 40  LEU A C   1 
ATOM   271 O O   . LEU A 1 40 ? -6.204  9.192   5.018   1.00 37.12  ? 40  LEU A O   1 
ATOM   272 C CB  . LEU A 1 40 ? -5.471  11.377  2.905   1.00 38.11  ? 40  LEU A CB  1 
ATOM   273 C CG  . LEU A 1 40 ? -5.646  12.530  1.886   1.00 39.12  ? 40  LEU A CG  1 
ATOM   274 C CD1 . LEU A 1 40 ? -4.426  13.454  1.824   1.00 38.98  ? 40  LEU A CD1 1 
ATOM   275 C CD2 . LEU A 1 40 ? -5.911  12.013  0.503   1.00 42.41  ? 40  LEU A CD2 1 
ATOM   276 N N   . CYS A 1 41 ? -6.119  8.066   3.067   1.00 36.34  ? 41  CYS A N   1 
ATOM   277 C CA  . CYS A 1 41 ? -5.658  6.768   3.649   1.00 35.51  ? 41  CYS A CA  1 
ATOM   278 C C   . CYS A 1 41 ? -4.815  5.932   2.710   1.00 32.27  ? 41  CYS A C   1 
ATOM   279 O O   . CYS A 1 41 ? -4.994  5.910   1.476   1.00 31.61  ? 41  CYS A O   1 
ATOM   280 C CB  . CYS A 1 41 ? -6.790  5.887   4.157   1.00 36.32  ? 41  CYS A CB  1 
ATOM   281 S SG  . CYS A 1 41 ? -8.388  6.208   3.480   1.00 44.53  ? 41  CYS A SG  1 
ATOM   282 N N   . THR A 1 42 ? -3.902  5.205   3.303   1.00 29.65  ? 42  THR A N   1 
ATOM   283 C CA  . THR A 1 42 ? -2.833  4.647   2.534   1.00 27.31  ? 42  THR A CA  1 
ATOM   284 C C   . THR A 1 42 ? -2.567  3.215   2.905   1.00 26.99  ? 42  THR A C   1 
ATOM   285 O O   . THR A 1 42 ? -2.492  2.891   4.036   1.00 25.15  ? 42  THR A O   1 
ATOM   286 C CB  . THR A 1 42 ? -1.559  5.471   2.780   1.00 26.62  ? 42  THR A CB  1 
ATOM   287 O OG1 . THR A 1 42 ? -1.724  6.809   2.317   1.00 28.53  ? 42  THR A OG1 1 
ATOM   288 C CG2 . THR A 1 42 ? -0.385  4.886   2.018   1.00 28.09  ? 42  THR A CG2 1 
ATOM   289 N N   . ALA A 1 43 ? -2.366  2.364   1.928   1.00 27.02  ? 43  ALA A N   1 
ATOM   290 C CA  . ALA A 1 43 ? -2.063  1.035   2.180   1.00 26.19  ? 43  ALA A CA  1 
ATOM   291 C C   . ALA A 1 43 ? -0.647  0.800   1.690   1.00 25.88  ? 43  ALA A C   1 
ATOM   292 O O   . ALA A 1 43 ? -0.256  1.339   0.684   1.00 23.66  ? 43  ALA A O   1 
ATOM   293 C CB  . ALA A 1 43 ? -3.027  0.154   1.413   1.00 27.98  ? 43  ALA A CB  1 
ATOM   294 N N   . MET A 1 44 ? 0.068   -0.055  2.415   1.00 25.88  ? 44  MET A N   1 
ATOM   295 C CA  . MET A 1 44 ? 1.420   -0.508  2.070   1.00 27.24  ? 44  MET A CA  1 
ATOM   296 C C   . MET A 1 44 ? 1.496   -2.029  1.932   1.00 26.67  ? 44  MET A C   1 
ATOM   297 O O   . MET A 1 44 ? 0.907   -2.780  2.730   1.00 27.57  ? 44  MET A O   1 
ATOM   298 C CB  . MET A 1 44 ? 2.391   -0.111  3.177   1.00 28.29  ? 44  MET A CB  1 
ATOM   299 C CG  . MET A 1 44 ? 2.712   1.356   3.309   1.00 29.25  ? 44  MET A CG  1 
ATOM   300 S SD  . MET A 1 44 ? 1.827   2.134   4.622   1.00 42.54  ? 44  MET A SD  1 
ATOM   301 C CE  . MET A 1 44 ? 0.892   3.309   3.648   1.00 42.19  ? 44  MET A CE  1 
ATOM   302 N N   . VAL A 1 45 ? 2.233   -2.462  0.907   1.00 25.73  ? 45  VAL A N   1 
ATOM   303 C CA  . VAL A 1 45 ? 2.510   -3.862  0.636   1.00 25.93  ? 45  VAL A CA  1 
ATOM   304 C C   . VAL A 1 45 ? 4.024   -4.074  0.451   1.00 25.33  ? 45  VAL A C   1 
ATOM   305 O O   . VAL A 1 45 ? 4.749   -3.153  0.141   1.00 24.17  ? 45  VAL A O   1 
ATOM   306 C CB  . VAL A 1 45 ? 1.772   -4.390  -0.609  1.00 25.52  ? 45  VAL A CB  1 
ATOM   307 C CG1 . VAL A 1 45 ? 0.379   -4.161  -0.466  1.00 24.01  ? 45  VAL A CG1 1 
ATOM   308 C CG2 . VAL A 1 45 ? 2.205   -3.718  -1.834  1.00 27.04  ? 45  VAL A CG2 1 
ATOM   309 N N   . ARG A 1 46 ? 4.494   -5.288  0.736   1.00 26.56  ? 46  ARG A N   1 
ATOM   310 C CA  . ARG A 1 46 ? 5.873   -5.682  0.525   1.00 27.93  ? 46  ARG A CA  1 
ATOM   311 C C   . ARG A 1 46 ? 5.901   -6.959  -0.286  1.00 27.95  ? 46  ARG A C   1 
ATOM   312 O O   . ARG A 1 46 ? 4.978   -7.762  -0.225  1.00 27.28  ? 46  ARG A O   1 
ATOM   313 C CB  . ARG A 1 46 ? 6.604   -5.863  1.865   1.00 29.25  ? 46  ARG A CB  1 
ATOM   314 C CG  . ARG A 1 46 ? 6.384   -4.745  2.881   1.00 31.21  ? 46  ARG A CG  1 
ATOM   315 C CD  . ARG A 1 46 ? 7.215   -3.494  2.666   1.00 32.75  ? 46  ARG A CD  1 
ATOM   316 N NE  . ARG A 1 46 ? 8.637   -3.731  2.426   1.00 35.62  ? 46  ARG A NE  1 
ATOM   317 C CZ  . ARG A 1 46 ? 9.602   -3.784  3.344   1.00 37.22  ? 46  ARG A CZ  1 
ATOM   318 N NH1 . ARG A 1 46 ? 9.375   -3.670  4.658   1.00 34.46  ? 46  ARG A NH1 1 
ATOM   319 N NH2 . ARG A 1 46 ? 10.819  -3.995  2.918   1.00 38.92  ? 46  ARG A NH2 1 
ATOM   320 N N   . GLY A 1 47 ? 6.933   -7.103  -1.102  1.00 28.80  ? 47  GLY A N   1 
ATOM   321 C CA  . GLY A 1 47 ? 7.161   -8.292  -1.905  1.00 28.33  ? 47  GLY A CA  1 
ATOM   322 C C   . GLY A 1 47 ? 8.289   -8.006  -2.858  1.00 29.47  ? 47  GLY A C   1 
ATOM   323 O O   . GLY A 1 47 ? 9.024   -7.070  -2.660  1.00 27.42  ? 47  GLY A O   1 
ATOM   324 N N   . ASP A 1 48 ? 8.426   -8.860  -3.867  1.00 29.97  ? 48  ASP A N   1 
ATOM   325 C CA  . ASP A 1 48 ? 9.446   -8.786  -4.864  1.00 30.98  ? 48  ASP A CA  1 
ATOM   326 C C   . ASP A 1 48 ? 9.137   -7.555  -5.713  1.00 30.46  ? 48  ASP A C   1 
ATOM   327 O O   . ASP A 1 48 ? 8.019   -7.115  -5.707  1.00 27.80  ? 48  ASP A O   1 
ATOM   328 C CB  . ASP A 1 48 ? 9.523   -10.126 -5.652  1.00 31.38  ? 48  ASP A CB  1 
ATOM   329 C CG  . ASP A 1 48 ? 8.346   -11.183 -5.285  1.00 33.74  ? 48  ASP A CG  1 
ATOM   330 O OD1 . ASP A 1 48 ? 7.598   -11.125 -4.223  1.00 33.35  ? 48  ASP A OD1 1 
ATOM   331 O OD2 . ASP A 1 48 ? 8.183   -12.134 -6.106  1.00 43.02  ? 48  ASP A OD2 1 
ATOM   332 N N   . VAL A 1 49 ? 10.142  -6.959  -6.365  1.00 31.89  ? 49  VAL A N   1 
ATOM   333 C CA  . VAL A 1 49 ? 9.977   -5.634  -7.077  1.00 32.15  ? 49  VAL A CA  1 
ATOM   334 C C   . VAL A 1 49 ? 8.953   -5.716  -8.186  1.00 31.60  ? 49  VAL A C   1 
ATOM   335 O O   . VAL A 1 49 ? 8.218   -4.750  -8.483  1.00 31.41  ? 49  VAL A O   1 
ATOM   336 C CB  . VAL A 1 49 ? 11.309  -5.076  -7.721  1.00 32.78  ? 49  VAL A CB  1 
ATOM   337 C CG1 . VAL A 1 49 ? 10.971  -3.918  -8.654  1.00 33.32  ? 49  VAL A CG1 1 
ATOM   338 C CG2 . VAL A 1 49 ? 12.332  -4.644  -6.683  1.00 32.03  ? 49  VAL A CG2 1 
ATOM   339 N N   . ALA A 1 50 ? 8.928   -6.899  -8.786  1.00 31.04  ? 50  ALA A N   1 
ATOM   340 C CA  . ALA A 1 50 ? 8.034   -7.248  -9.888  1.00 30.25  ? 50  ALA A CA  1 
ATOM   341 C C   . ALA A 1 50 ? 6.630   -7.304  -9.354  1.00 30.12  ? 50  ALA A C   1 
ATOM   342 O O   . ALA A 1 50 ? 5.668   -6.798  -9.954  1.00 29.79  ? 50  ALA A O   1 
ATOM   343 C CB  . ALA A 1 50 ? 8.392   -8.575  -10.371 1.00 30.46  ? 50  ALA A CB  1 
ATOM   344 N N   . ALA A 1 51 ? 6.516   -7.953  -8.203  1.00 29.53  ? 51  ALA A N   1 
ATOM   345 C CA  . ALA A 1 51 ? 5.211   -8.084  -7.553  1.00 29.48  ? 51  ALA A CA  1 
ATOM   346 C C   . ALA A 1 51 ? 4.664   -6.777  -7.129  1.00 29.04  ? 51  ALA A C   1 
ATOM   347 O O   . ALA A 1 51 ? 3.459   -6.553  -7.171  1.00 28.56  ? 51  ALA A O   1 
ATOM   348 C CB  . ALA A 1 51 ? 5.348   -8.943  -6.397  1.00 30.36  ? 51  ALA A CB  1 
ATOM   349 N N   . CYS A 1 52 ? 5.517   -5.898  -6.636  1.00 27.52  ? 52  CYS A N   1 
ATOM   350 C CA  . CYS A 1 52 ? 4.968   -4.693  -6.090  1.00 28.83  ? 52  CYS A CA  1 
ATOM   351 C C   . CYS A 1 52 ? 4.549   -3.861  -7.230  1.00 28.62  ? 52  CYS A C   1 
ATOM   352 O O   . CYS A 1 52 ? 3.714   -3.023  -7.039  1.00 29.48  ? 52  CYS A O   1 
ATOM   353 C CB  . CYS A 1 52 ? 5.891   -3.919  -5.137  1.00 28.49  ? 52  CYS A CB  1 
ATOM   354 S SG  . CYS A 1 52 ? 6.233   -4.751  -3.565  1.00 30.65  ? 52  CYS A SG  1 
ATOM   355 N N   . LYS A 1 53 ? 5.032   -4.137  -8.435  1.00 29.10  ? 53  LYS A N   1 
ATOM   356 C CA  . LYS A 1 53 ? 4.640   -3.328  -9.648  1.00 29.55  ? 53  LYS A CA  1 
ATOM   357 C C   . LYS A 1 53 ? 3.311   -3.865  -10.154 1.00 28.80  ? 53  LYS A C   1 
ATOM   358 O O   . LYS A 1 53 ? 2.454   -3.148  -10.522 1.00 29.48  ? 53  LYS A O   1 
ATOM   359 C CB  . LYS A 1 53 ? 5.675   -3.415  -10.783 1.00 30.78  ? 53  LYS A CB  1 
ATOM   360 C CG  . LYS A 1 53 ? 7.206   -3.144  -10.467 1.00 34.46  ? 53  LYS A CG  1 
ATOM   361 C CD  . LYS A 1 53 ? 7.692   -1.690  -10.849 1.00 39.06  ? 53  LYS A CD  1 
ATOM   362 C CE  . LYS A 1 53 ? 8.114   -1.431  -12.316 1.00 40.77  ? 53  LYS A CE  1 
ATOM   363 N NZ  . LYS A 1 53 ? 8.159   0.095   -12.633 1.00 43.01  ? 53  LYS A NZ  1 
ATOM   364 N N   . ALA A 1 54 ? 3.151   -5.164  -10.127 1.00 30.55  ? 54  ALA A N   1 
ATOM   365 C CA  . ALA A 1 54 ? 1.865   -5.831  -10.482 1.00 30.89  ? 54  ALA A CA  1 
ATOM   366 C C   . ALA A 1 54 ? 0.705   -5.515  -9.504  1.00 30.65  ? 54  ALA A C   1 
ATOM   367 O O   . ALA A 1 54 ? -0.400  -5.187  -9.897  1.00 31.93  ? 54  ALA A O   1 
ATOM   368 C CB  . ALA A 1 54 ? 2.075   -7.331  -10.497 1.00 31.02  ? 54  ALA A CB  1 
ATOM   369 N N   . ALA A 1 55 ? 0.965   -5.786  -8.239  1.00 30.67  ? 55  ALA A N   1 
ATOM   370 C CA  . ALA A 1 55 ? 0.188   -5.286  -7.139  1.00 30.54  ? 55  ALA A CA  1 
ATOM   371 C C   . ALA A 1 55 ? -0.310  -3.857  -7.349  1.00 31.26  ? 55  ALA A C   1 
ATOM   372 O O   . ALA A 1 55 ? -1.487  -3.618  -7.402  1.00 32.59  ? 55  ALA A O   1 
ATOM   373 C CB  . ALA A 1 55 ? 1.014   -5.343  -5.890  1.00 28.97  ? 55  ALA A CB  1 
ATOM   374 N N   . THR A 1 56 ? 0.577   -2.888  -7.347  1.00 32.94  ? 56  THR A N   1 
ATOM   375 C CA  . THR A 1 56 ? 0.149   -1.540  -7.241  1.00 33.42  ? 56  THR A CA  1 
ATOM   376 C C   . THR A 1 56 ? -0.517  -1.126  -8.508  1.00 35.27  ? 56  THR A C   1 
ATOM   377 O O   . THR A 1 56 ? -1.303  -0.185  -8.549  1.00 35.86  ? 56  THR A O   1 
ATOM   378 C CB  . THR A 1 56 ? 1.266   -0.628  -6.924  1.00 33.56  ? 56  THR A CB  1 
ATOM   379 O OG1 . THR A 1 56 ? 2.346   -0.795  -7.848  1.00 31.10  ? 56  THR A OG1 1 
ATOM   380 C CG2 . THR A 1 56 ? 1.725   -0.892  -5.545  1.00 33.79  ? 56  THR A CG2 1 
ATOM   381 N N   . ASP A 1 57 ? -0.245  -1.863  -9.562  1.00 37.60  ? 57  ASP A N   1 
ATOM   382 C CA  . ASP A 1 57 ? -0.847  -1.542  -10.828 1.00 38.63  ? 57  ASP A CA  1 
ATOM   383 C C   . ASP A 1 57 ? -2.261  -2.128  -10.863 1.00 37.08  ? 57  ASP A C   1 
ATOM   384 O O   . ASP A 1 57 ? -3.170  -1.494  -11.395 1.00 36.68  ? 57  ASP A O   1 
ATOM   385 C CB  . ASP A 1 57 ? 0.053   -1.994  -11.967 1.00 40.33  ? 57  ASP A CB  1 
ATOM   386 C CG  . ASP A 1 57 ? 1.059   -0.886  -12.392 1.00 45.49  ? 57  ASP A CG  1 
ATOM   387 O OD1 . ASP A 1 57 ? 1.663   -0.160  -11.534 1.00 52.13  ? 57  ASP A OD1 1 
ATOM   388 O OD2 . ASP A 1 57 ? 1.221   -0.721  -13.633 1.00 58.63  ? 57  ASP A OD2 1 
ATOM   389 N N   . ALA A 1 58 ? -2.444  -3.278  -10.201 1.00 36.30  ? 58  ALA A N   1 
ATOM   390 C CA  . ALA A 1 58 ? -3.762  -3.896  -10.038 1.00 36.07  ? 58  ALA A CA  1 
ATOM   391 C C   . ALA A 1 58 ? -4.582  -3.041  -9.123  1.00 35.49  ? 58  ALA A C   1 
ATOM   392 O O   . ALA A 1 58 ? -5.754  -2.790  -9.393  1.00 35.58  ? 58  ALA A O   1 
ATOM   393 C CB  . ALA A 1 58 ? -3.643  -5.271  -9.453  1.00 36.63  ? 58  ALA A CB  1 
ATOM   394 N N   . GLY A 1 59 ? -3.957  -2.586  -8.036  1.00 33.82  ? 59  GLY A N   1 
ATOM   395 C CA  . GLY A 1 59 ? -4.662  -1.805  -7.016  1.00 33.82  ? 59  GLY A CA  1 
ATOM   396 C C   . GLY A 1 59 ? -5.108  -0.428  -7.445  1.00 34.32  ? 59  GLY A C   1 
ATOM   397 O O   . GLY A 1 59 ? -6.131  0.067   -7.000  1.00 33.07  ? 59  GLY A O   1 
ATOM   398 N N   . ALA A 1 60 ? -4.312  0.195   -8.290  1.00 35.61  ? 60  ALA A N   1 
ATOM   399 C CA  . ALA A 1 60 ? -4.651  1.488   -8.902  1.00 37.42  ? 60  ALA A CA  1 
ATOM   400 C C   . ALA A 1 60 ? -5.849  1.424   -9.837  1.00 38.18  ? 60  ALA A C   1 
ATOM   401 O O   . ALA A 1 60 ? -6.773  2.202   -9.759  1.00 38.60  ? 60  ALA A O   1 
ATOM   402 C CB  . ALA A 1 60 ? -3.435  2.026   -9.649  1.00 37.03  ? 60  ALA A CB  1 
ATOM   403 N N   . ALA A 1 61 ? -5.819  0.479   -10.746 1.00 39.77  ? 61  ALA A N   1 
ATOM   404 C CA  . ALA A 1 61 ? -6.986  0.169   -11.512 1.00 41.05  ? 61  ALA A CA  1 
ATOM   405 C C   . ALA A 1 61 ? -8.260  0.178   -10.668 1.00 41.92  ? 61  ALA A C   1 
ATOM   406 O O   . ALA A 1 61 ? -9.206  0.900   -10.949 1.00 40.70  ? 61  ALA A O   1 
ATOM   407 C CB  . ALA A 1 61 ? -6.804  -1.181  -12.155 1.00 41.42  ? 61  ALA A CB  1 
ATOM   408 N N   . ALA A 1 62 ? -8.298  -0.666  -9.642  1.00 42.48  ? 62  ALA A N   1 
ATOM   409 C CA  . ALA A 1 62 ? -9.521  -0.853  -8.889  1.00 43.75  ? 62  ALA A CA  1 
ATOM   410 C C   . ALA A 1 62 ? -9.853  0.423   -8.155  1.00 44.32  ? 62  ALA A C   1 
ATOM   411 O O   . ALA A 1 62 ? -10.991 0.819   -8.106  1.00 46.45  ? 62  ALA A O   1 
ATOM   412 C CB  . ALA A 1 62 ? -9.397  -2.037  -7.924  1.00 43.20  ? 62  ALA A CB  1 
ATOM   413 N N   . ALA A 1 63 ? -8.880  1.086   -7.576  1.00 45.47  ? 63  ALA A N   1 
ATOM   414 C CA  . ALA A 1 63 ? -9.194  2.280   -6.834  1.00 46.03  ? 63  ALA A CA  1 
ATOM   415 C C   . ALA A 1 63 ? -9.964  3.231   -7.733  1.00 47.53  ? 63  ALA A C   1 
ATOM   416 O O   . ALA A 1 63 ? -11.009 3.715   -7.359  1.00 47.12  ? 63  ALA A O   1 
ATOM   417 C CB  . ALA A 1 63 ? -7.942  2.921   -6.309  1.00 45.61  ? 63  ALA A CB  1 
ATOM   418 N N   . GLN A 1 64 ? -9.457  3.454   -8.935  1.00 49.89  ? 64  GLN A N   1 
ATOM   419 C CA  . GLN A 1 64 ? -9.995  4.459   -9.857  1.00 51.98  ? 64  GLN A CA  1 
ATOM   420 C C   . GLN A 1 64 ? -11.360 4.139   -10.392 1.00 54.49  ? 64  GLN A C   1 
ATOM   421 O O   . GLN A 1 64 ? -12.027 4.992   -11.001 1.00 54.33  ? 64  GLN A O   1 
ATOM   422 C CB  . GLN A 1 64 ? -9.098  4.542   -11.056 1.00 51.95  ? 64  GLN A CB  1 
ATOM   423 C CG  . GLN A 1 64 ? -7.872  5.300   -10.827 1.00 52.46  ? 64  GLN A CG  1 
ATOM   424 C CD  . GLN A 1 64 ? -7.012  5.266   -12.037 1.00 53.52  ? 64  GLN A CD  1 
ATOM   425 O OE1 . GLN A 1 64 ? -7.225  4.431   -12.921 1.00 53.62  ? 64  GLN A OE1 1 
ATOM   426 N NE2 . GLN A 1 64 ? -6.035  6.172   -12.107 1.00 54.43  ? 64  GLN A NE2 1 
ATOM   427 N N   . ARG A 1 65 ? -11.769 2.891   -10.227 1.00 57.08  ? 65  ARG A N   1 
ATOM   428 C CA  . ARG A 1 65 ? -13.047 2.483   -10.740 1.00 59.29  ? 65  ARG A CA  1 
ATOM   429 C C   . ARG A 1 65 ? -14.117 2.893   -9.734  1.00 60.70  ? 65  ARG A C   1 
ATOM   430 O O   . ARG A 1 65 ? -15.273 3.156   -10.094 1.00 61.49  ? 65  ARG A O   1 
ATOM   431 C CB  . ARG A 1 65 ? -13.073 0.984   -10.991 1.00 59.56  ? 65  ARG A CB  1 
ATOM   432 C CG  . ARG A 1 65 ? -13.587 0.624   -12.365 1.00 61.00  ? 65  ARG A CG  1 
ATOM   433 C CD  . ARG A 1 65 ? -14.091 -0.763  -12.359 1.00 62.72  ? 65  ARG A CD  1 
ATOM   434 N NE  . ARG A 1 65 ? -13.698 -1.395  -11.120 1.00 64.72  ? 65  ARG A NE  1 
ATOM   435 C CZ  . ARG A 1 65 ? -13.927 -2.663  -10.836 1.00 66.40  ? 65  ARG A CZ  1 
ATOM   436 N NH1 . ARG A 1 65 ? -14.524 -3.446  -11.709 1.00 66.82  ? 65  ARG A NH1 1 
ATOM   437 N NH2 . ARG A 1 65 ? -13.545 -3.146  -9.677  1.00 68.66  ? 65  ARG A NH2 1 
ATOM   438 N N   . ILE A 1 66 ? -13.726 2.996   -8.473  1.00 61.96  ? 66  ILE A N   1 
ATOM   439 C CA  . ILE A 1 66 ? -14.714 3.197   -7.443  1.00 62.85  ? 66  ILE A CA  1 
ATOM   440 C C   . ILE A 1 66 ? -14.444 4.344   -6.494  1.00 62.17  ? 66  ILE A C   1 
ATOM   441 O O   . ILE A 1 66 ? -15.251 4.588   -5.628  1.00 62.44  ? 66  ILE A O   1 
ATOM   442 C CB  . ILE A 1 66 ? -14.883 1.908   -6.611  1.00 63.53  ? 66  ILE A CB  1 
ATOM   443 C CG1 . ILE A 1 66 ? -15.289 0.745   -7.525  1.00 65.07  ? 66  ILE A CG1 1 
ATOM   444 C CG2 . ILE A 1 66 ? -15.932 2.105   -5.536  1.00 64.56  ? 66  ILE A CG2 1 
ATOM   445 C CD1 . ILE A 1 66 ? -14.132 0.152   -8.341  1.00 66.04  ? 66  ILE A CD1 1 
ATOM   446 N N   . GLY A 1 67 ? -13.338 5.063   -6.631  1.00 61.65  ? 67  GLY A N   1 
ATOM   447 C CA  . GLY A 1 67 ? -12.993 6.040   -5.590  1.00 61.01  ? 67  GLY A CA  1 
ATOM   448 C C   . GLY A 1 67 ? -12.321 7.327   -6.037  1.00 60.35  ? 67  GLY A C   1 
ATOM   449 O O   . GLY A 1 67 ? -12.912 8.131   -6.774  1.00 61.68  ? 67  GLY A O   1 
ATOM   450 N N   . GLU A 1 68 ? -11.111 7.561   -5.541  1.00 58.47  ? 68  GLU A N   1 
ATOM   451 C CA  . GLU A 1 68 ? -10.278 8.661   -5.998  1.00 57.14  ? 68  GLU A CA  1 
ATOM   452 C C   . GLU A 1 68 ? -8.913  8.330   -5.553  1.00 54.97  ? 68  GLU A C   1 
ATOM   453 O O   . GLU A 1 68 ? -8.625  8.510   -4.402  1.00 54.88  ? 68  GLU A O   1 
ATOM   454 C CB  . GLU A 1 68 ? -10.688 10.005  -5.369  1.00 57.59  ? 68  GLU A CB  1 
ATOM   455 C CG  . GLU A 1 68 ? -9.573  11.154  -5.363  1.00 58.75  ? 68  GLU A CG  1 
ATOM   456 C CD  . GLU A 1 68 ? -10.008 12.484  -4.622  1.00 59.41  ? 68  GLU A CD  1 
ATOM   457 O OE1 . GLU A 1 68 ? -11.172 12.936  -4.805  1.00 59.87  ? 68  GLU A OE1 1 
ATOM   458 O OE2 . GLU A 1 68 ? -9.182  13.071  -3.870  1.00 57.12  ? 68  GLU A OE2 1 
ATOM   459 N N   . LEU A 1 69 ? -8.078  7.834   -6.449  1.00 53.02  ? 69  LEU A N   1 
ATOM   460 C CA  . LEU A 1 69 ? -6.657  7.632   -6.145  1.00 51.95  ? 69  LEU A CA  1 
ATOM   461 C C   . LEU A 1 69 ? -5.927  8.901   -5.851  1.00 49.16  ? 69  LEU A C   1 
ATOM   462 O O   . LEU A 1 69 ? -5.973  9.801   -6.652  1.00 49.13  ? 69  LEU A O   1 
ATOM   463 C CB  . LEU A 1 69 ? -5.908  7.038   -7.320  1.00 52.37  ? 69  LEU A CB  1 
ATOM   464 C CG  . LEU A 1 69 ? -6.247  5.614   -7.665  1.00 54.52  ? 69  LEU A CG  1 
ATOM   465 C CD1 . LEU A 1 69 ? -5.305  5.212   -8.788  1.00 56.30  ? 69  LEU A CD1 1 
ATOM   466 C CD2 . LEU A 1 69 ? -6.112  4.709   -6.442  1.00 56.10  ? 69  LEU A CD2 1 
ATOM   467 N N   . VAL A 1 70 ? -5.203  8.950   -4.744  1.00 45.70  ? 70  VAL A N   1 
ATOM   468 C CA  . VAL A 1 70 ? -4.358  10.067  -4.483  1.00 43.52  ? 70  VAL A CA  1 
ATOM   469 C C   . VAL A 1 70 ? -3.002  9.775   -5.092  1.00 42.50  ? 70  VAL A C   1 
ATOM   470 O O   . VAL A 1 70 ? -2.501  10.622  -5.823  1.00 43.64  ? 70  VAL A O   1 
ATOM   471 C CB  . VAL A 1 70 ? -4.226  10.390  -3.016  1.00 42.90  ? 70  VAL A CB  1 
ATOM   472 C CG1 . VAL A 1 70 ? -3.025  11.255  -2.780  1.00 42.42  ? 70  VAL A CG1 1 
ATOM   473 C CG2 . VAL A 1 70 ? -5.456  11.075  -2.541  1.00 43.73  ? 70  VAL A CG2 1 
ATOM   474 N N   . SER A 1 71 ? -2.400  8.604   -4.890  1.00 40.17  ? 71  SER A N   1 
ATOM   475 C CA  . SER A 1 71 ? -1.126  8.333   -5.571  1.00 38.68  ? 71  SER A CA  1 
ATOM   476 C C   . SER A 1 71 ? -0.755  6.873   -5.538  1.00 37.45  ? 71  SER A C   1 
ATOM   477 O O   . SER A 1 71 ? -1.241  6.193   -4.674  1.00 35.78  ? 71  SER A O   1 
ATOM   478 C CB  . SER A 1 71 ? -0.041  9.167   -4.928  1.00 39.12  ? 71  SER A CB  1 
ATOM   479 O OG  . SER A 1 71 ? 0.576   8.454   -3.883  1.00 40.93  ? 71  SER A OG  1 
ATOM   480 N N   . VAL A 1 72 ? 0.026   6.382   -6.509  1.00 36.64  ? 72  VAL A N   1 
ATOM   481 C CA  . VAL A 1 72 ? 0.570   4.993   -6.497  1.00 36.65  ? 72  VAL A CA  1 
ATOM   482 C C   . VAL A 1 72 ? 2.117   4.987   -6.663  1.00 35.30  ? 72  VAL A C   1 
ATOM   483 O O   . VAL A 1 72 ? 2.674   5.807   -7.390  1.00 35.85  ? 72  VAL A O   1 
ATOM   484 C CB  . VAL A 1 72 ? -0.061  4.010   -7.592  1.00 36.71  ? 72  VAL A CB  1 
ATOM   485 C CG1 . VAL A 1 72 ? 0.440   2.648   -7.365  1.00 37.09  ? 72  VAL A CG1 1 
ATOM   486 C CG2 . VAL A 1 72 ? -1.559  3.945   -7.549  1.00 37.24  ? 72  VAL A CG2 1 
ATOM   487 N N   . HIS A 1 73 ? 2.843   4.096   -6.002  1.00 32.56  ? 73  HIS A N   1 
ATOM   488 C CA  . HIS A 1 73 ? 4.270   4.211   -6.119  1.00 31.58  ? 73  HIS A CA  1 
ATOM   489 C C   . HIS A 1 73 ? 4.942   3.056   -5.517  1.00 30.21  ? 73  HIS A C   1 
ATOM   490 O O   . HIS A 1 73 ? 4.457   2.509   -4.546  1.00 30.28  ? 73  HIS A O   1 
ATOM   491 C CB  . HIS A 1 73 ? 4.746   5.507   -5.484  1.00 32.78  ? 73  HIS A CB  1 
ATOM   492 C CG  . HIS A 1 73 ? 6.212   5.754   -5.641  1.00 32.42  ? 73  HIS A CG  1 
ATOM   493 N ND1 . HIS A 1 73 ? 7.003   6.237   -4.616  1.00 38.50  ? 73  HIS A ND1 1 
ATOM   494 C CD2 . HIS A 1 73 ? 7.042   5.540   -6.689  1.00 35.70  ? 73  HIS A CD2 1 
ATOM   495 C CE1 . HIS A 1 73 ? 8.253   6.315   -5.032  1.00 36.40  ? 73  HIS A CE1 1 
ATOM   496 N NE2 . HIS A 1 73 ? 8.300   5.912   -6.290  1.00 39.13  ? 73  HIS A NE2 1 
ATOM   497 N N   . VAL A 1 74 ? 6.061   2.670   -6.107  1.00 28.75  ? 74  VAL A N   1 
ATOM   498 C CA  . VAL A 1 74 ? 6.855   1.526   -5.672  1.00 28.85  ? 74  VAL A CA  1 
ATOM   499 C C   . VAL A 1 74 ? 8.193   2.125   -5.326  1.00 29.55  ? 74  VAL A C   1 
ATOM   500 O O   . VAL A 1 74 ? 8.655   3.041   -5.967  1.00 26.87  ? 74  VAL A O   1 
ATOM   501 C CB  . VAL A 1 74 ? 6.918   0.407   -6.753  1.00 27.61  ? 74  VAL A CB  1 
ATOM   502 C CG1 . VAL A 1 74 ? 7.956   -0.609  -6.482  1.00 26.67  ? 74  VAL A CG1 1 
ATOM   503 C CG2 . VAL A 1 74 ? 5.604   -0.278  -6.809  1.00 29.43  ? 74  VAL A CG2 1 
ATOM   504 N N   . ILE A 1 75 ? 8.748   1.704   -4.202  1.00 29.16  ? 75  ILE A N   1 
ATOM   505 C CA  . ILE A 1 75 ? 10.130  2.026   -3.884  1.00 30.54  ? 75  ILE A CA  1 
ATOM   506 C C   . ILE A 1 75 ? 10.797  0.692   -3.861  1.00 30.69  ? 75  ILE A C   1 
ATOM   507 O O   . ILE A 1 75 ? 10.419  -0.079  -3.038  1.00 31.48  ? 75  ILE A O   1 
ATOM   508 C CB  . ILE A 1 75 ? 10.251  2.608   -2.443  1.00 29.66  ? 75  ILE A CB  1 
ATOM   509 C CG1 . ILE A 1 75 ? 9.349   3.810   -2.278  1.00 31.83  ? 75  ILE A CG1 1 
ATOM   510 C CG2 . ILE A 1 75 ? 11.600  3.044   -2.211  1.00 30.71  ? 75  ILE A CG2 1 
ATOM   511 C CD1 . ILE A 1 75 ? 7.956   3.516   -2.314  1.00 33.92  ? 75  ILE A CD1 1 
ATOM   512 N N   . PRO A 1 76 ? 11.750  0.389   -4.781  1.00 30.81  ? 76  PRO A N   1 
ATOM   513 C CA  . PRO A 1 76 ? 12.234  -0.966  -4.873  1.00 30.65  ? 76  PRO A CA  1 
ATOM   514 C C   . PRO A 1 76 ? 12.974  -1.504  -3.669  1.00 30.58  ? 76  PRO A C   1 
ATOM   515 O O   . PRO A 1 76 ? 12.824  -2.637  -3.430  1.00 28.94  ? 76  PRO A O   1 
ATOM   516 C CB  . PRO A 1 76 ? 13.163  -0.925  -6.057  1.00 30.53  ? 76  PRO A CB  1 
ATOM   517 C CG  . PRO A 1 76 ? 12.546  0.109   -6.955  1.00 31.12  ? 76  PRO A CG  1 
ATOM   518 C CD  . PRO A 1 76 ? 12.159  1.175   -5.950  1.00 31.17  ? 76  PRO A CD  1 
ATOM   519 N N   . ARG A 1 77 ? 13.732  -0.638  -2.963  1.00 30.47  ? 77  ARG A N   1 
ATOM   520 C CA  . ARG A 1 77 ? 14.712  -0.921  -1.869  1.00 30.88  ? 77  ARG A CA  1 
ATOM   521 C C   . ARG A 1 77 ? 14.736  0.116   -0.736  1.00 30.69  ? 77  ARG A C   1 
ATOM   522 O O   . ARG A 1 77 ? 15.722  0.835   -0.603  1.00 28.63  ? 77  ARG A O   1 
ATOM   523 C CB  . ARG A 1 77 ? 16.100  -0.844  -2.456  1.00 30.70  ? 77  ARG A CB  1 
ATOM   524 C CG  . ARG A 1 77 ? 16.377  -1.957  -3.382  1.00 33.15  ? 77  ARG A CG  1 
ATOM   525 C CD  . ARG A 1 77 ? 17.810  -1.929  -3.736  1.00 37.36  ? 77  ARG A CD  1 
ATOM   526 N NE  . ARG A 1 77 ? 18.114  -2.987  -4.654  1.00 42.22  ? 77  ARG A NE  1 
ATOM   527 C CZ  . ARG A 1 77 ? 18.272  -4.252  -4.302  1.00 47.38  ? 77  ARG A CZ  1 
ATOM   528 N NH1 . ARG A 1 77 ? 18.105  -4.625  -3.032  1.00 47.09  ? 77  ARG A NH1 1 
ATOM   529 N NH2 . ARG A 1 77 ? 18.578  -5.149  -5.254  1.00 53.54  ? 77  ARG A NH2 1 
ATOM   530 N N   . PRO A 1 78 ? 13.660  0.167   0.059   1.00 29.65  ? 78  PRO A N   1 
ATOM   531 C CA  . PRO A 1 78 ? 13.349  1.157   1.026   1.00 30.61  ? 78  PRO A CA  1 
ATOM   532 C C   . PRO A 1 78 ? 14.389  1.064   2.066   1.00 31.08  ? 78  PRO A C   1 
ATOM   533 O O   . PRO A 1 78 ? 14.768  -0.037  2.374   1.00 32.61  ? 78  PRO A O   1 
ATOM   534 C CB  . PRO A 1 78 ? 11.979  0.700   1.592   1.00 29.15  ? 78  PRO A CB  1 
ATOM   535 C CG  . PRO A 1 78 ? 11.523  -0.318  0.842   1.00 28.92  ? 78  PRO A CG  1 
ATOM   536 C CD  . PRO A 1 78 ? 12.679  -0.917  0.103   1.00 30.16  ? 78  PRO A CD  1 
ATOM   537 N N   . HIS A 1 79 ? 14.798  2.196   2.635   1.00 32.02  ? 79  HIS A N   1 
ATOM   538 C CA  . HIS A 1 79 ? 15.838  2.247   3.606   1.00 33.26  ? 79  HIS A CA  1 
ATOM   539 C C   . HIS A 1 79 ? 15.334  1.562   4.866   1.00 32.98  ? 79  HIS A C   1 
ATOM   540 O O   . HIS A 1 79 ? 14.197  1.734   5.201   1.00 31.31  ? 79  HIS A O   1 
ATOM   541 C CB  . HIS A 1 79 ? 16.195  3.711   3.872   1.00 33.91  ? 79  HIS A CB  1 
ATOM   542 C CG  . HIS A 1 79 ? 17.426  3.867   4.695   1.00 36.75  ? 79  HIS A CG  1 
ATOM   543 N ND1 . HIS A 1 79 ? 17.391  3.978   6.077   1.00 36.56  ? 79  HIS A ND1 1 
ATOM   544 C CD2 . HIS A 1 79 ? 18.727  3.825   4.348   1.00 35.26  ? 79  HIS A CD2 1 
ATOM   545 C CE1 . HIS A 1 79 ? 18.622  4.001   6.537   1.00 34.89  ? 79  HIS A CE1 1 
ATOM   546 N NE2 . HIS A 1 79 ? 19.448  3.920   5.513   1.00 39.40  ? 79  HIS A NE2 1 
ATOM   547 N N   . GLY A 1 80 ? 16.160  0.814   5.592   1.00 34.35  ? 80  GLY A N   1 
ATOM   548 C CA  . GLY A 1 80 ? 15.674  0.203   6.821   1.00 34.89  ? 80  GLY A CA  1 
ATOM   549 C C   . GLY A 1 80 ? 15.155  1.177   7.851   1.00 36.11  ? 80  GLY A C   1 
ATOM   550 O O   . GLY A 1 80 ? 14.494  0.793   8.814   1.00 36.06  ? 80  GLY A O   1 
ATOM   551 N N   . ASP A 1 81 ? 15.507  2.439   7.676   1.00 36.87  ? 81  ASP A N   1 
ATOM   552 C CA  . ASP A 1 81 ? 15.115  3.507   8.567   1.00 38.24  ? 81  ASP A CA  1 
ATOM   553 C C   . ASP A 1 81 ? 13.589  3.774   8.491   1.00 38.58  ? 81  ASP A C   1 
ATOM   554 O O   . ASP A 1 81 ? 12.961  4.244   9.448   1.00 38.72  ? 81  ASP A O   1 
ATOM   555 C CB  . ASP A 1 81 ? 15.914  4.760   8.158   1.00 38.19  ? 81  ASP A CB  1 
ATOM   556 C CG  . ASP A 1 81 ? 16.352  5.641   9.362   1.00 39.03  ? 81  ASP A CG  1 
ATOM   557 O OD1 . ASP A 1 81 ? 15.669  5.667   10.447  1.00 46.21  ? 81  ASP A OD1 1 
ATOM   558 O OD2 . ASP A 1 81 ? 17.392  6.310   9.210   1.00 31.94  ? 81  ASP A OD2 1 
ATOM   559 N N   . LEU A 1 82 ? 13.008  3.465   7.344   1.00 39.77  ? 82  LEU A N   1 
ATOM   560 C CA  . LEU A 1 82 ? 11.583  3.617   7.091   1.00 39.74  ? 82  LEU A CA  1 
ATOM   561 C C   . LEU A 1 82 ? 10.662  2.733   7.956   1.00 40.57  ? 82  LEU A C   1 
ATOM   562 O O   . LEU A 1 82 ? 9.490   3.047   8.223   1.00 39.35  ? 82  LEU A O   1 
ATOM   563 C CB  . LEU A 1 82 ? 11.357  3.266   5.638   1.00 39.38  ? 82  LEU A CB  1 
ATOM   564 C CG  . LEU A 1 82 ? 11.286  4.471   4.708   1.00 38.81  ? 82  LEU A CG  1 
ATOM   565 C CD1 . LEU A 1 82 ? 12.340  5.495   5.053   1.00 38.58  ? 82  LEU A CD1 1 
ATOM   566 C CD2 . LEU A 1 82 ? 11.389  3.968   3.281   1.00 41.23  ? 82  LEU A CD2 1 
ATOM   567 N N   . GLU A 1 83 ? 11.210  1.596   8.334   1.00 41.77  ? 83  GLU A N   1 
ATOM   568 C CA  . GLU A 1 83 ? 10.490  0.580   9.114   1.00 43.27  ? 83  GLU A CA  1 
ATOM   569 C C   . GLU A 1 83 ? 10.335  0.976   10.596  1.00 43.34  ? 83  GLU A C   1 
ATOM   570 O O   . GLU A 1 83 ? 9.397   0.569   11.285  1.00 43.06  ? 83  GLU A O   1 
ATOM   571 C CB  . GLU A 1 83 ? 11.207  -0.760  8.973   1.00 43.72  ? 83  GLU A CB  1 
ATOM   572 C CG  . GLU A 1 83 ? 11.144  -1.383  7.536   1.00 45.50  ? 83  GLU A CG  1 
ATOM   573 C CD  . GLU A 1 83 ? 12.002  -0.659  6.472   1.00 48.45  ? 83  GLU A CD  1 
ATOM   574 O OE1 . GLU A 1 83 ? 12.534  -1.331  5.560   1.00 51.25  ? 83  GLU A OE1 1 
ATOM   575 O OE2 . GLU A 1 83 ? 12.140  0.573   6.528   1.00 49.63  ? 83  GLU A OE2 1 
ATOM   576 N N   . GLU A 1 84 ? 11.258  1.799   11.062  1.00 43.07  ? 84  GLU A N   1 
ATOM   577 C CA  . GLU A 1 84 ? 11.161  2.435   12.363  1.00 42.70  ? 84  GLU A CA  1 
ATOM   578 C C   . GLU A 1 84 ? 10.028  3.402   12.516  1.00 42.72  ? 84  GLU A C   1 
ATOM   579 O O   . GLU A 1 84 ? 9.349   3.398   13.531  1.00 42.73  ? 84  GLU A O   1 
ATOM   580 C CB  . GLU A 1 84 ? 12.428  3.223   12.569  1.00 42.45  ? 84  GLU A CB  1 
ATOM   581 C CG  . GLU A 1 84 ? 13.588  2.432   12.224  1.00 41.26  ? 84  GLU A CG  1 
ATOM   582 C CD  . GLU A 1 84 ? 14.794  3.036   12.805  1.00 39.70  ? 84  GLU A CD  1 
ATOM   583 O OE1 . GLU A 1 84 ? 15.869  2.764   12.292  1.00 38.65  ? 84  GLU A OE1 1 
ATOM   584 O OE2 . GLU A 1 84 ? 14.645  3.800   13.776  1.00 43.39  ? 84  GLU A OE2 1 
ATOM   585 N N   . VAL A 1 85 ? 9.851   4.258   11.512  1.00 41.56  ? 85  VAL A N   1 
ATOM   586 C CA  . VAL A 1 85 ? 8.878   5.320   11.563  1.00 41.33  ? 85  VAL A CA  1 
ATOM   587 C C   . VAL A 1 85 ? 7.479   5.138   10.919  1.00 40.34  ? 85  VAL A C   1 
ATOM   588 O O   . VAL A 1 85 ? 6.516   5.693   11.453  1.00 39.27  ? 85  VAL A O   1 
ATOM   589 C CB  . VAL A 1 85 ? 9.491   6.542   10.944  1.00 40.77  ? 85  VAL A CB  1 
ATOM   590 C CG1 . VAL A 1 85 ? 8.450   7.490   10.655  1.00 43.11  ? 85  VAL A CG1 1 
ATOM   591 C CG2 . VAL A 1 85 ? 10.473  7.124   11.900  1.00 41.08  ? 85  VAL A CG2 1 
ATOM   592 N N   . PHE A 1 86 ? 7.395   4.367   9.818   1.00 40.06  ? 86  PHE A N   1 
ATOM   593 C CA  . PHE A 1 86 ? 6.144   4.005   9.095   1.00 40.19  ? 86  PHE A CA  1 
ATOM   594 C C   . PHE A 1 86 ? 5.706   2.527   9.156   1.00 40.83  ? 86  PHE A C   1 
ATOM   595 O O   . PHE A 1 86 ? 6.545   1.646   9.212   1.00 41.44  ? 86  PHE A O   1 
ATOM   596 C CB  . PHE A 1 86 ? 6.293   4.385   7.616   1.00 39.30  ? 86  PHE A CB  1 
ATOM   597 C CG  . PHE A 1 86 ? 6.716   5.796   7.403   1.00 36.42  ? 86  PHE A CG  1 
ATOM   598 C CD1 . PHE A 1 86 ? 7.964   6.105   6.895   1.00 34.08  ? 86  PHE A CD1 1 
ATOM   599 C CD2 . PHE A 1 86 ? 5.869   6.797   7.724   1.00 35.40  ? 86  PHE A CD2 1 
ATOM   600 C CE1 . PHE A 1 86 ? 8.327   7.400   6.687   1.00 34.08  ? 86  PHE A CE1 1 
ATOM   601 C CE2 . PHE A 1 86 ? 6.230   8.092   7.554   1.00 33.26  ? 86  PHE A CE2 1 
ATOM   602 C CZ  . PHE A 1 86 ? 7.451   8.404   7.025   1.00 33.04  ? 86  PHE A CZ  1 
ATOM   603 N N   . PRO A 1 87 ? 4.378   2.259   9.098   1.00 42.60  ? 87  PRO A N   1 
ATOM   604 C CA  . PRO A 1 87 ? 3.764   0.921   9.080   1.00 43.28  ? 87  PRO A CA  1 
ATOM   605 C C   . PRO A 1 87 ? 4.058   0.118   7.830   1.00 44.24  ? 87  PRO A C   1 
ATOM   606 O O   . PRO A 1 87 ? 3.159   -0.436  7.249   1.00 41.54  ? 87  PRO A O   1 
ATOM   607 C CB  . PRO A 1 87 ? 2.254   1.187   9.160   1.00 42.56  ? 87  PRO A CB  1 
ATOM   608 C CG  . PRO A 1 87 ? 2.081   2.572   9.266   1.00 43.12  ? 87  PRO A CG  1 
ATOM   609 C CD  . PRO A 1 87 ? 3.354   3.301   9.040   1.00 42.51  ? 87  PRO A CD  1 
ATOM   610 N N   . ILE A 1 88 ? 5.328   0.082   7.453   1.00 47.42  ? 88  ILE A N   1 
ATOM   611 C CA  . ILE A 1 88 ? 5.824   -0.698  6.347   1.00 50.38  ? 88  ILE A CA  1 
ATOM   612 C C   . ILE A 1 88 ? 6.885   -1.668  6.765   1.00 52.87  ? 88  ILE A C   1 
ATOM   613 O O   . ILE A 1 88 ? 8.068   -1.341  6.556   1.00 54.46  ? 88  ILE A O   1 
ATOM   614 C CB  . ILE A 1 88 ? 6.807   0.065   5.563   1.00 50.43  ? 88  ILE A CB  1 
ATOM   615 C CG1 . ILE A 1 88 ? 6.403   1.476   5.318   1.00 51.36  ? 88  ILE A CG1 1 
ATOM   616 C CG2 . ILE A 1 88 ? 7.094   -0.667  4.321   1.00 52.84  ? 88  ILE A CG2 1 
ATOM   617 C CD1 . ILE A 1 88 ? 7.631   2.219   4.914   1.00 52.96  ? 88  ILE A CD1 1 
ATOM   618 N N   . GLY A 1 89 ? 6.529   -2.827  7.296   1.00 54.90  ? 89  GLY A N   1 
ATOM   619 C CA  . GLY A 1 89 ? 7.473   -3.673  8.026   1.00 56.00  ? 89  GLY A CA  1 
ATOM   620 C C   . GLY A 1 89 ? 6.948   -5.091  8.135   1.00 57.52  ? 89  GLY A C   1 
ATOM   621 O O   . GLY A 1 89 ? 5.818   -5.335  8.527   1.00 55.53  ? 89  GLY A O   1 
ATOM   622 N N   . LEU A 1 90 ? 7.792   -6.025  7.760   1.00 60.39  ? 90  LEU A N   1 
ATOM   623 C CA  . LEU A 1 90 ? 7.395   -7.398  7.637   1.00 63.40  ? 90  LEU A CA  1 
ATOM   624 C C   . LEU A 1 90 ? 6.903   -8.027  8.949   1.00 66.63  ? 90  LEU A C   1 
ATOM   625 O O   . LEU A 1 90 ? 6.485   -9.173  8.968   1.00 67.02  ? 90  LEU A O   1 
ATOM   626 C CB  . LEU A 1 90 ? 8.562   -8.216  7.093   1.00 63.25  ? 90  LEU A CB  1 
ATOM   627 C CG  . LEU A 1 90 ? 8.504   -8.503  5.598   1.00 62.71  ? 90  LEU A CG  1 
ATOM   628 C CD1 . LEU A 1 90 ? 7.052   -8.513  5.163   1.00 61.50  ? 90  LEU A CD1 1 
ATOM   629 C CD2 . LEU A 1 90 ? 9.309   -7.478  4.800   1.00 62.75  ? 90  LEU A CD2 1 
ATOM   630 N N   . LYS A 1 91 ? 6.952   -7.306  10.060  1.00 70.56  ? 91  LYS A N   1 
ATOM   631 C CA  . LYS A 1 91 ? 6.466   -7.887  11.340  1.00 73.41  ? 91  LYS A CA  1 
ATOM   632 C C   . LYS A 1 91 ? 5.729   -6.856  12.202  1.00 76.22  ? 91  LYS A C   1 
ATOM   633 O O   . LYS A 1 91 ? 6.310   -5.870  12.676  1.00 76.92  ? 91  LYS A O   1 
ATOM   634 C CB  . LYS A 1 91 ? 7.609   -8.506  12.168  1.00 73.12  ? 91  LYS A CB  1 
ATOM   635 C CG  . LYS A 1 91 ? 8.641   -9.259  11.364  1.00 71.90  ? 91  LYS A CG  1 
ATOM   636 C CD  . LYS A 1 91 ? 8.278   -10.716 11.186  1.00 70.61  ? 91  LYS A CD  1 
ATOM   637 C CE  . LYS A 1 91 ? 9.246   -11.433 10.250  1.00 69.84  ? 91  LYS A CE  1 
ATOM   638 N NZ  . LYS A 1 91 ? 8.798   -12.801 9.896   1.00 67.36  ? 91  LYS A NZ  1 
ATOM   639 N N   . GLY A 1 92 ? 4.447   -7.087  12.416  1.00 79.08  ? 92  GLY A N   1 
ATOM   640 C CA  . GLY A 1 92 ? 3.662   -6.140  13.170  1.00 81.89  ? 92  GLY A CA  1 
ATOM   641 C C   . GLY A 1 92 ? 4.545   -5.370  14.124  1.00 84.51  ? 92  GLY A C   1 
ATOM   642 O O   . GLY A 1 92 ? 4.543   -5.620  15.328  1.00 85.52  ? 92  GLY A O   1 
ATOM   643 N N   . ASP A 1 93 ? 5.311   -4.428  13.597  1.00 87.10  ? 93  ASP A N   1 
ATOM   644 C CA  . ASP A 1 93 ? 6.222   -3.698  14.439  1.00 89.05  ? 93  ASP A CA  1 
ATOM   645 C C   . ASP A 1 93 ? 5.588   -2.407  14.752  1.00 90.38  ? 93  ASP A C   1 
ATOM   646 O O   . ASP A 1 93 ? 6.148   -1.637  15.535  1.00 90.85  ? 93  ASP A O   1 
ATOM   647 C CB  . ASP A 1 93 ? 7.529   -3.387  13.722  1.00 89.35  ? 93  ASP A CB  1 
ATOM   648 C CG  . ASP A 1 93 ? 8.418   -4.613  13.544  1.00 90.73  ? 93  ASP A CG  1 
ATOM   649 O OD1 . ASP A 1 93 ? 8.169   -5.675  14.202  1.00 90.45  ? 93  ASP A OD1 1 
ATOM   650 O OD2 . ASP A 1 93 ? 9.376   -4.499  12.732  1.00 92.05  ? 93  ASP A OD2 1 
ATOM   651 N N   . SER A 1 94 ? 4.446   -2.109  14.146  1.00 91.97  ? 94  SER A N   1 
ATOM   652 C CA  . SER A 1 94 ? 4.080   -0.736  14.288  1.00 93.21  ? 94  SER A CA  1 
ATOM   653 C C   . SER A 1 94 ? 2.860   -0.100  13.706  1.00 94.29  ? 94  SER A C   1 
ATOM   654 O O   . SER A 1 94 ? 1.953   -0.700  13.127  1.00 94.57  ? 94  SER A O   1 
ATOM   655 C CB  . SER A 1 94 ? 5.251   0.094   13.777  1.00 93.18  ? 94  SER A CB  1 
ATOM   656 O OG  . SER A 1 94 ? 4.868   1.443   13.554  1.00 92.90  ? 94  SER A OG  1 
ATOM   657 N N   . SER A 1 95 ? 2.922   1.204   13.900  1.00 95.43  ? 95  SER A N   1 
ATOM   658 C CA  . SER A 1 95 ? 1.834   2.086   13.633  1.00 96.31  ? 95  SER A CA  1 
ATOM   659 C C   . SER A 1 95 ? 0.672   1.726   14.553  1.00 96.77  ? 95  SER A C   1 
ATOM   660 O O   . SER A 1 95 ? -0.408  1.293   14.117  1.00 96.31  ? 95  SER A O   1 
ATOM   661 C CB  . SER A 1 95 ? 1.460   2.029   12.163  1.00 96.48  ? 95  SER A CB  1 
ATOM   662 O OG  . SER A 1 95 ? 1.368   0.687   11.729  1.00 96.97  ? 95  SER A OG  1 
ATOM   663 N N   . ASN A 1 96 ? 0.969   1.893   15.844  1.00 97.58  ? 96  ASN A N   1 
ATOM   664 C CA  . ASN A 1 96 ? 0.002   1.908   16.931  1.00 98.24  ? 96  ASN A CA  1 
ATOM   665 C C   . ASN A 1 96 ? 0.703   2.640   18.077  1.00 98.41  ? 96  ASN A C   1 
ATOM   666 O O   . ASN A 1 96 ? 1.664   2.131   18.675  1.00 98.62  ? 96  ASN A O   1 
ATOM   667 C CB  . ASN A 1 96 ? -0.431  0.500   17.394  1.00 98.33  ? 96  ASN A CB  1 
ATOM   668 C CG  . ASN A 1 96 ? -0.313  -0.552  16.298  1.00 99.18  ? 96  ASN A CG  1 
ATOM   669 O OD1 . ASN A 1 96 ? -0.814  -0.357  15.178  1.00 100.35 ? 96  ASN A OD1 1 
ATOM   670 N ND2 . ASN A 1 96 ? 0.341   -1.687  16.617  1.00 99.86  ? 96  ASN A ND2 1 
ATOM   671 N N   . LEU A 1 97 ? 0.234   3.850   18.360  1.00 98.57  ? 97  LEU A N   1 
ATOM   672 C CA  . LEU A 1 97 ? 0.785   4.654   19.441  1.00 98.69  ? 97  LEU A CA  1 
ATOM   673 C C   . LEU A 1 97 ? -0.337  5.386   20.182  1.00 98.59  ? 97  LEU A C   1 
ATOM   674 O O   . LEU A 1 97 ? -0.356  6.620   20.250  1.00 98.26  ? 97  LEU A O   1 
ATOM   675 C CB  . LEU A 1 97 ? 1.782   5.674   18.887  1.00 98.93  ? 97  LEU A CB  1 
ATOM   676 C CG  . LEU A 1 97 ? 3.071   5.164   18.225  1.00 98.72  ? 97  LEU A CG  1 
ATOM   677 C CD1 . LEU A 1 97 ? 3.981   6.355   17.885  1.00 98.60  ? 97  LEU A CD1 1 
ATOM   678 C CD2 . LEU A 1 97 ? 3.784   4.172   19.124  1.00 98.34  ? 97  LEU A CD2 1 
HETATM 679 S S   . SO4 B 2 .  ? 18.850  1.748   -4.310  0.50 43.93  ? 104 SO4 A S   1 
HETATM 680 O O1  . SO4 B 2 .  ? 17.469  1.453   -4.718  0.50 46.43  ? 104 SO4 A O1  1 
HETATM 681 O O2  . SO4 B 2 .  ? 18.979  3.179   -4.413  0.50 42.06  ? 104 SO4 A O2  1 
HETATM 682 O O3  . SO4 B 2 .  ? 19.204  1.225   -2.985  0.50 41.54  ? 104 SO4 A O3  1 
HETATM 683 O O4  . SO4 B 2 .  ? 19.838  1.243   -5.246  0.50 46.37  ? 104 SO4 A O4  1 
HETATM 684 S S   . SO4 C 2 .  ? -9.428  17.400  9.616   0.15 52.28  ? 200 SO4 A S   1 
HETATM 685 O O1  . SO4 C 2 .  ? -10.749 16.852  9.322   0.15 52.27  ? 200 SO4 A O1  1 
HETATM 686 O O2  . SO4 C 2 .  ? -9.492  18.857  9.533   0.15 52.48  ? 200 SO4 A O2  1 
HETATM 687 O O3  . SO4 C 2 .  ? -9.005  16.987  10.957  0.15 51.99  ? 200 SO4 A O3  1 
HETATM 688 O O4  . SO4 C 2 .  ? -8.473  16.914  8.625   0.15 52.23  ? 200 SO4 A O4  1 
HETATM 689 O O   . HOH D 3 .  ? 6.345   1.622   -2.644  1.00 70.48  ? 201 HOH A O   1 
HETATM 690 O O   . HOH D 3 .  ? 19.874  0.568   -0.821  1.00 36.48  ? 202 HOH A O   1 
HETATM 691 O O   . HOH D 3 .  ? -10.705 -1.932  -12.402 1.00 35.83  ? 203 HOH A O   1 
HETATM 692 O O   . HOH D 3 .  ? -12.194 -0.974  3.439   1.00 34.86  ? 204 HOH A O   1 
# 
loop_
_pdbx_poly_seq_scheme.asym_id 
_pdbx_poly_seq_scheme.entity_id 
_pdbx_poly_seq_scheme.seq_id 
_pdbx_poly_seq_scheme.mon_id 
_pdbx_poly_seq_scheme.ndb_seq_num 
_pdbx_poly_seq_scheme.pdb_seq_num 
_pdbx_poly_seq_scheme.auth_seq_num 
_pdbx_poly_seq_scheme.pdb_mon_id 
_pdbx_poly_seq_scheme.auth_mon_id 
_pdbx_poly_seq_scheme.pdb_strand_id 
_pdbx_poly_seq_scheme.pdb_ins_code 
_pdbx_poly_seq_scheme.hetero 
A 1 1   MET 1   1   ?  ?   ?   A . n 
A 1 2   GLU 2   2   2  GLU GLU A . n 
A 1 3   ALA 3   3   3  ALA ALA A . n 
A 1 4   LEU 4   4   4  LEU LEU A . n 
A 1 5   GLY 5   5   5  GLY GLY A . n 
A 1 6   MET 6   6   6  MET MET A . n 
A 1 7   ILE 7   7   7  ILE ILE A . n 
A 1 8   GLU 8   8   8  GLU GLU A . n 
A 1 9   THR 9   9   9  THR THR A . n 
A 1 10  ARG 10  10  10 ARG ARG A . n 
A 1 11  GLY 11  11  11 GLY GLY A . n 
A 1 12  LEU 12  12  12 LEU LEU A . n 
A 1 13  VAL 13  13  13 VAL VAL A . n 
A 1 14  ALA 14  14  14 ALA ALA A . n 
A 1 15  LEU 15  15  15 LEU LEU A . n 
A 1 16  ILE 16  16  16 ILE ILE A . n 
A 1 17  GLU 17  17  17 GLU GLU A . n 
A 1 18  ALA 18  18  18 ALA ALA A . n 
A 1 19  SER 19  19  19 SER SER A . n 
A 1 20  ASP 20  20  20 ASP ASP A . n 
A 1 21  ALA 21  21  21 ALA ALA A . n 
A 1 22  MET 22  22  22 MET MET A . n 
A 1 23  VAL 23  23  23 VAL VAL A . n 
A 1 24  LYS 24  24  24 LYS LYS A . n 
A 1 25  ALA 25  25  25 ALA ALA A . n 
A 1 26  ALA 26  26  26 ALA ALA A . n 
A 1 27  ARG 27  27  27 ARG ARG A . n 
A 1 28  VAL 28  28  28 VAL VAL A . n 
A 1 29  LYS 29  29  29 LYS LYS A . n 
A 1 30  LEU 30  30  30 LEU LEU A . n 
A 1 31  VAL 31  31  31 VAL VAL A . n 
A 1 32  GLY 32  32  32 GLY GLY A . n 
A 1 33  VAL 33  33  33 VAL VAL A . n 
A 1 34  LYS 34  34  34 LYS LYS A . n 
A 1 35  GLN 35  35  35 GLN GLN A . n 
A 1 36  ILE 36  36  36 ILE ILE A . n 
A 1 37  GLY 37  37  37 GLY GLY A . n 
A 1 38  GLY 38  38  38 GLY GLY A . n 
A 1 39  GLY 39  39  39 GLY GLY A . n 
A 1 40  LEU 40  40  40 LEU LEU A . n 
A 1 41  CYS 41  41  41 CYS CYS A . n 
A 1 42  THR 42  42  42 THR THR A . n 
A 1 43  ALA 43  43  43 ALA ALA A . n 
A 1 44  MET 44  44  44 MET MET A . n 
A 1 45  VAL 45  45  45 VAL VAL A . n 
A 1 46  ARG 46  46  46 ARG ARG A . n 
A 1 47  GLY 47  47  47 GLY GLY A . n 
A 1 48  ASP 48  48  48 ASP ASP A . n 
A 1 49  VAL 49  49  49 VAL VAL A . n 
A 1 50  ALA 50  50  50 ALA ALA A . n 
A 1 51  ALA 51  51  51 ALA ALA A . n 
A 1 52  CYS 52  52  52 CYS CYS A . n 
A 1 53  LYS 53  53  53 LYS LYS A . n 
A 1 54  ALA 54  54  54 ALA ALA A . n 
A 1 55  ALA 55  55  55 ALA ALA A . n 
A 1 56  THR 56  56  56 THR THR A . n 
A 1 57  ASP 57  57  57 ASP ASP A . n 
A 1 58  ALA 58  58  58 ALA ALA A . n 
A 1 59  GLY 59  59  59 GLY GLY A . n 
A 1 60  ALA 60  60  60 ALA ALA A . n 
A 1 61  ALA 61  61  61 ALA ALA A . n 
A 1 62  ALA 62  62  62 ALA ALA A . n 
A 1 63  ALA 63  63  63 ALA ALA A . n 
A 1 64  GLN 64  64  64 GLN GLN A . n 
A 1 65  ARG 65  65  65 ARG ARG A . n 
A 1 66  ILE 66  66  66 ILE ILE A . n 
A 1 67  GLY 67  67  67 GLY GLY A . n 
A 1 68  GLU 68  68  68 GLU GLU A . n 
A 1 69  LEU 69  69  69 LEU LEU A . n 
A 1 70  VAL 70  70  70 VAL VAL A . n 
A 1 71  SER 71  71  71 SER SER A . n 
A 1 72  VAL 72  72  72 VAL VAL A . n 
A 1 73  HIS 73  73  73 HIS HIS A . n 
A 1 74  VAL 74  74  74 VAL VAL A . n 
A 1 75  ILE 75  75  75 ILE ILE A . n 
A 1 76  PRO 76  76  76 PRO PRO A . n 
A 1 77  ARG 77  77  77 ARG ARG A . n 
A 1 78  PRO 78  78  78 PRO PRO A . n 
A 1 79  HIS 79  79  79 HIS HIS A . n 
A 1 80  GLY 80  80  80 GLY GLY A . n 
A 1 81  ASP 81  81  81 ASP ASP A . n 
A 1 82  LEU 82  82  82 LEU LEU A . n 
A 1 83  GLU 83  83  83 GLU GLU A . n 
A 1 84  GLU 84  84  84 GLU GLU A . n 
A 1 85  VAL 85  85  85 VAL VAL A . n 
A 1 86  PHE 86  86  86 PHE PHE A . n 
A 1 87  PRO 87  87  87 PRO PRO A . n 
A 1 88  ILE 88  88  88 ILE ILE A . n 
A 1 89  GLY 89  89  89 GLY GLY A . n 
A 1 90  LEU 90  90  90 LEU LEU A . n 
A 1 91  LYS 91  91  91 LYS LYS A . n 
A 1 92  GLY 92  92  92 GLY GLY A . n 
A 1 93  ASP 93  93  93 ASP ASP A . n 
A 1 94  SER 94  94  94 SER SER A . n 
A 1 95  SER 95  95  95 SER SER A . n 
A 1 96  ASN 96  96  96 ASN ASN A . n 
A 1 97  LEU 97  97  97 LEU LEU A . n 
A 1 98  HIS 98  98  ?  ?   ?   A . n 
A 1 99  HIS 99  99  ?  ?   ?   A . n 
A 1 100 HIS 100 100 ?  ?   ?   A . n 
A 1 101 HIS 101 101 ?  ?   ?   A . n 
A 1 102 HIS 102 102 ?  ?   ?   A . n 
A 1 103 HIS 103 103 ?  ?   ?   A . n 
# 
loop_
_pdbx_nonpoly_scheme.asym_id 
_pdbx_nonpoly_scheme.entity_id 
_pdbx_nonpoly_scheme.mon_id 
_pdbx_nonpoly_scheme.ndb_seq_num 
_pdbx_nonpoly_scheme.pdb_seq_num 
_pdbx_nonpoly_scheme.auth_seq_num 
_pdbx_nonpoly_scheme.pdb_mon_id 
_pdbx_nonpoly_scheme.auth_mon_id 
_pdbx_nonpoly_scheme.pdb_strand_id 
_pdbx_nonpoly_scheme.pdb_ins_code 
B 2 SO4 1 104 100 SO4 SO4 A . 
C 2 SO4 1 200 200 SO4 SO4 A . 
D 3 HOH 1 201 201 HOH HOH A . 
D 3 HOH 2 202 202 HOH HOH A . 
D 3 HOH 3 203 203 HOH HOH A . 
D 3 HOH 4 204 204 HOH HOH A . 
# 
_pdbx_struct_assembly.id                   1 
_pdbx_struct_assembly.details              author_and_software_defined_assembly 
_pdbx_struct_assembly.method_details       PISA 
_pdbx_struct_assembly.oligomeric_details   hexameric 
_pdbx_struct_assembly.oligomeric_count     6 
# 
_pdbx_struct_assembly_gen.assembly_id       1 
_pdbx_struct_assembly_gen.oper_expression   1,2,3,4,5,6 
_pdbx_struct_assembly_gen.asym_id_list      A,B,C,D 
# 
loop_
_pdbx_struct_assembly_prop.biol_id 
_pdbx_struct_assembly_prop.type 
_pdbx_struct_assembly_prop.value 
_pdbx_struct_assembly_prop.details 
1 'ABSA (A^2)' 13250 ? 
1 MORE         -256  ? 
1 'SSA (A^2)'  21660 ? 
# 
loop_
_pdbx_struct_oper_list.id 
_pdbx_struct_oper_list.type 
_pdbx_struct_oper_list.name 
_pdbx_struct_oper_list.symmetry_operation 
_pdbx_struct_oper_list.matrix[1][1] 
_pdbx_struct_oper_list.matrix[1][2] 
_pdbx_struct_oper_list.matrix[1][3] 
_pdbx_struct_oper_list.vector[1] 
_pdbx_struct_oper_list.matrix[2][1] 
_pdbx_struct_oper_list.matrix[2][2] 
_pdbx_struct_oper_list.matrix[2][3] 
_pdbx_struct_oper_list.vector[2] 
_pdbx_struct_oper_list.matrix[3][1] 
_pdbx_struct_oper_list.matrix[3][2] 
_pdbx_struct_oper_list.matrix[3][3] 
_pdbx_struct_oper_list.vector[3] 
1 'identity operation'         1_555 x,y,z     1.0000000000  0.0000000000  0.0000000000  0.0000000000   0.0000000000  1.0000000000  0.0000000000  0.0000000000  0.0000000000  0.0000000000  1.0000000000 0.0000000000  
2 'crystal symmetry operation' 2_555 -y,x-y,z  -0.4013511022 -0.8871164420 -0.2279072426 3.6374821524   0.4256465354  0.0396777848  -0.9040191924 29.1874636976 0.8110131440  -0.4598370275 0.3616733173 21.8681870724 
3 'crystal symmetry operation' 3_555 -x+y,-x,z -0.4013511022 0.4256465354  0.8110131440  -28.6990224800 -0.8871164420 0.0396777848  -0.4598370275 12.1245784597 -0.2279072426 -0.9040191924 0.3616733173 19.3058961255 
4 'crystal symmetry operation' 4_555 -x,-y,z   -0.8684681362 -0.3076466044 0.3887372676  -16.7076935518 -0.3076466044 -0.2804296202 -0.9092374799 27.5413614382 0.3887372676  -0.9092374799 0.1488977565 27.4493887986 
5 'crystal symmetry operation' 5_555 y,-x+y,z  0.5328829659  0.5794698376  0.6166445102  -20.3451757041 -0.7332931398 0.6798925949  -0.0052182875 -1.6461022594 -0.4222758764 -0.4494004525 0.7872244391 5.5812017262  
6 'crystal symmetry operation' 6_555 x-y,x,z   0.5328829659  -0.7332931398 -0.4222758764 11.9913289282  0.5794698376  0.6798925949  -0.4494004525 15.4167829785 0.6166445102  -0.0052182875 0.7872244391 8.1434926731 
# 
loop_
_pdbx_struct_special_symmetry.id 
_pdbx_struct_special_symmetry.PDB_model_num 
_pdbx_struct_special_symmetry.auth_asym_id 
_pdbx_struct_special_symmetry.auth_comp_id 
_pdbx_struct_special_symmetry.auth_seq_id 
_pdbx_struct_special_symmetry.PDB_ins_code 
_pdbx_struct_special_symmetry.label_asym_id 
_pdbx_struct_special_symmetry.label_comp_id 
_pdbx_struct_special_symmetry.label_seq_id 
1 1 A SO4 104 ? B SO4 . 
2 1 A SO4 200 ? C SO4 . 
# 
loop_
_pdbx_audit_revision_history.ordinal 
_pdbx_audit_revision_history.data_content_type 
_pdbx_audit_revision_history.major_revision 
_pdbx_audit_revision_history.minor_revision 
_pdbx_audit_revision_history.revision_date 
1 'Structure model' 1 0 2010-09-22 
2 'Structure model' 1 1 2011-07-13 
3 'Structure model' 1 2 2012-06-20 
4 'Structure model' 1 3 2023-09-06 
# 
_pdbx_audit_revision_details.ordinal             1 
_pdbx_audit_revision_details.revision_ordinal    1 
_pdbx_audit_revision_details.data_content_type   'Structure model' 
_pdbx_audit_revision_details.provider            repository 
_pdbx_audit_revision_details.type                'Initial release' 
_pdbx_audit_revision_details.description         ? 
_pdbx_audit_revision_details.details             ? 
# 
loop_
_pdbx_audit_revision_group.ordinal 
_pdbx_audit_revision_group.revision_ordinal 
_pdbx_audit_revision_group.data_content_type 
_pdbx_audit_revision_group.group 
1 2 'Structure model' 'Version format compliance' 
2 3 'Structure model' 'Database references'       
3 4 'Structure model' 'Data collection'           
4 4 'Structure model' 'Database references'       
5 4 'Structure model' 'Derived calculations'      
6 4 'Structure model' 'Refinement description'    
# 
loop_
_pdbx_audit_revision_category.ordinal 
_pdbx_audit_revision_category.revision_ordinal 
_pdbx_audit_revision_category.data_content_type 
_pdbx_audit_revision_category.category 
1 4 'Structure model' chem_comp_atom                
2 4 'Structure model' chem_comp_bond                
3 4 'Structure model' database_2                    
4 4 'Structure model' pdbx_initial_refinement_model 
5 4 'Structure model' pdbx_struct_special_symmetry  
6 4 'Structure model' struct_ref_seq_dif            
7 4 'Structure model' struct_site                   
# 
loop_
_pdbx_audit_revision_item.ordinal 
_pdbx_audit_revision_item.revision_ordinal 
_pdbx_audit_revision_item.data_content_type 
_pdbx_audit_revision_item.item 
1 4 'Structure model' '_database_2.pdbx_DOI'                
2 4 'Structure model' '_database_2.pdbx_database_accession' 
3 4 'Structure model' '_struct_ref_seq_dif.details'         
4 4 'Structure model' '_struct_site.pdbx_auth_asym_id'      
5 4 'Structure model' '_struct_site.pdbx_auth_comp_id'      
6 4 'Structure model' '_struct_site.pdbx_auth_seq_id'       
# 
loop_
_software.name 
_software.classification 
_software.version 
_software.citation_id 
_software.pdbx_ordinal 
ADSC   'data collection' Quantum ? 1 
MOLREP phasing           .       ? 2 
REFMAC refinement        5.5     ? 3 
XDS    'data reduction'  .       ? 4 
XSCALE 'data scaling'    .       ? 5 
# 
loop_
_pdbx_validate_close_contact.id 
_pdbx_validate_close_contact.PDB_model_num 
_pdbx_validate_close_contact.auth_atom_id_1 
_pdbx_validate_close_contact.auth_asym_id_1 
_pdbx_validate_close_contact.auth_comp_id_1 
_pdbx_validate_close_contact.auth_seq_id_1 
_pdbx_validate_close_contact.PDB_ins_code_1 
_pdbx_validate_close_contact.label_alt_id_1 
_pdbx_validate_close_contact.auth_atom_id_2 
_pdbx_validate_close_contact.auth_asym_id_2 
_pdbx_validate_close_contact.auth_comp_id_2 
_pdbx_validate_close_contact.auth_seq_id_2 
_pdbx_validate_close_contact.PDB_ins_code_2 
_pdbx_validate_close_contact.label_alt_id_2 
_pdbx_validate_close_contact.dist 
1 1 O A LEU 4  ? ? O A HOH 201 ? ? 1.92 
2 1 O A LYS 91 ? ? N A ASP 93  ? ? 1.98 
# 
loop_
_pdbx_validate_symm_contact.id 
_pdbx_validate_symm_contact.PDB_model_num 
_pdbx_validate_symm_contact.auth_atom_id_1 
_pdbx_validate_symm_contact.auth_asym_id_1 
_pdbx_validate_symm_contact.auth_comp_id_1 
_pdbx_validate_symm_contact.auth_seq_id_1 
_pdbx_validate_symm_contact.PDB_ins_code_1 
_pdbx_validate_symm_contact.label_alt_id_1 
_pdbx_validate_symm_contact.site_symmetry_1 
_pdbx_validate_symm_contact.auth_atom_id_2 
_pdbx_validate_symm_contact.auth_asym_id_2 
_pdbx_validate_symm_contact.auth_comp_id_2 
_pdbx_validate_symm_contact.auth_seq_id_2 
_pdbx_validate_symm_contact.PDB_ins_code_2 
_pdbx_validate_symm_contact.label_alt_id_2 
_pdbx_validate_symm_contact.site_symmetry_2 
_pdbx_validate_symm_contact.dist 
1 1 O A VAL 70  ? ? 1_555 O A GLY 92  ? ? 1_554 1.42 
2 1 O A HOH 202 ? ? 1_555 O A HOH 202 ? ? 4_565 1.56 
# 
loop_
_pdbx_validate_rmsd_angle.id 
_pdbx_validate_rmsd_angle.PDB_model_num 
_pdbx_validate_rmsd_angle.auth_atom_id_1 
_pdbx_validate_rmsd_angle.auth_asym_id_1 
_pdbx_validate_rmsd_angle.auth_comp_id_1 
_pdbx_validate_rmsd_angle.auth_seq_id_1 
_pdbx_validate_rmsd_angle.PDB_ins_code_1 
_pdbx_validate_rmsd_angle.label_alt_id_1 
_pdbx_validate_rmsd_angle.auth_atom_id_2 
_pdbx_validate_rmsd_angle.auth_asym_id_2 
_pdbx_validate_rmsd_angle.auth_comp_id_2 
_pdbx_validate_rmsd_angle.auth_seq_id_2 
_pdbx_validate_rmsd_angle.PDB_ins_code_2 
_pdbx_validate_rmsd_angle.label_alt_id_2 
_pdbx_validate_rmsd_angle.auth_atom_id_3 
_pdbx_validate_rmsd_angle.auth_asym_id_3 
_pdbx_validate_rmsd_angle.auth_comp_id_3 
_pdbx_validate_rmsd_angle.auth_seq_id_3 
_pdbx_validate_rmsd_angle.PDB_ins_code_3 
_pdbx_validate_rmsd_angle.label_alt_id_3 
_pdbx_validate_rmsd_angle.angle_value 
_pdbx_validate_rmsd_angle.angle_target_value 
_pdbx_validate_rmsd_angle.angle_deviation 
_pdbx_validate_rmsd_angle.angle_standard_deviation 
_pdbx_validate_rmsd_angle.linker_flag 
1 1 NE A ARG 46 ? ? CZ A ARG 46 ? ? NH1 A ARG 46 ? ? 123.39 120.30 3.09   0.50 N 
2 1 NE A ARG 46 ? ? CZ A ARG 46 ? ? NH2 A ARG 46 ? ? 117.13 120.30 -3.17  0.50 N 
3 1 CB A ASP 48 ? ? CG A ASP 48 ? ? OD1 A ASP 48 ? ? 124.95 118.30 6.65   0.90 N 
4 1 CB A ILE 88 ? ? CA A ILE 88 ? ? C   A ILE 88 ? ? 90.63  111.60 -20.97 2.00 N 
# 
loop_
_pdbx_validate_torsion.id 
_pdbx_validate_torsion.PDB_model_num 
_pdbx_validate_torsion.auth_comp_id 
_pdbx_validate_torsion.auth_asym_id 
_pdbx_validate_torsion.auth_seq_id 
_pdbx_validate_torsion.PDB_ins_code 
_pdbx_validate_torsion.label_alt_id 
_pdbx_validate_torsion.phi 
_pdbx_validate_torsion.psi 
1 1 GLU A 68 ? ? -162.28 101.30  
2 1 HIS A 73 ? ? -171.29 146.08  
3 1 PRO A 87 ? ? -66.64  47.84   
4 1 SER A 94 ? ? 179.29  -172.65 
5 1 SER A 95 ? ? 63.26   62.90   
# 
loop_
_pdbx_unobs_or_zero_occ_residues.id 
_pdbx_unobs_or_zero_occ_residues.PDB_model_num 
_pdbx_unobs_or_zero_occ_residues.polymer_flag 
_pdbx_unobs_or_zero_occ_residues.occupancy_flag 
_pdbx_unobs_or_zero_occ_residues.auth_asym_id 
_pdbx_unobs_or_zero_occ_residues.auth_comp_id 
_pdbx_unobs_or_zero_occ_residues.auth_seq_id 
_pdbx_unobs_or_zero_occ_residues.PDB_ins_code 
_pdbx_unobs_or_zero_occ_residues.label_asym_id 
_pdbx_unobs_or_zero_occ_residues.label_comp_id 
_pdbx_unobs_or_zero_occ_residues.label_seq_id 
1 1 Y 1 A MET 1   ? A MET 1   
2 1 Y 1 A HIS 98  ? A HIS 98  
3 1 Y 1 A HIS 99  ? A HIS 99  
4 1 Y 1 A HIS 100 ? A HIS 100 
5 1 Y 1 A HIS 101 ? A HIS 101 
6 1 Y 1 A HIS 102 ? A HIS 102 
7 1 Y 1 A HIS 103 ? A HIS 103 
# 
loop_
_chem_comp_atom.comp_id 
_chem_comp_atom.atom_id 
_chem_comp_atom.type_symbol 
_chem_comp_atom.pdbx_aromatic_flag 
_chem_comp_atom.pdbx_stereo_config 
_chem_comp_atom.pdbx_ordinal 
ALA N    N N N 1   
ALA CA   C N S 2   
ALA C    C N N 3   
ALA O    O N N 4   
ALA CB   C N N 5   
ALA OXT  O N N 6   
ALA H    H N N 7   
ALA H2   H N N 8   
ALA HA   H N N 9   
ALA HB1  H N N 10  
ALA HB2  H N N 11  
ALA HB3  H N N 12  
ALA HXT  H N N 13  
ARG N    N N N 14  
ARG CA   C N S 15  
ARG C    C N N 16  
ARG O    O N N 17  
ARG CB   C N N 18  
ARG CG   C N N 19  
ARG CD   C N N 20  
ARG NE   N N N 21  
ARG CZ   C N N 22  
ARG NH1  N N N 23  
ARG NH2  N N N 24  
ARG OXT  O N N 25  
ARG H    H N N 26  
ARG H2   H N N 27  
ARG HA   H N N 28  
ARG HB2  H N N 29  
ARG HB3  H N N 30  
ARG HG2  H N N 31  
ARG HG3  H N N 32  
ARG HD2  H N N 33  
ARG HD3  H N N 34  
ARG HE   H N N 35  
ARG HH11 H N N 36  
ARG HH12 H N N 37  
ARG HH21 H N N 38  
ARG HH22 H N N 39  
ARG HXT  H N N 40  
ASN N    N N N 41  
ASN CA   C N S 42  
ASN C    C N N 43  
ASN O    O N N 44  
ASN CB   C N N 45  
ASN CG   C N N 46  
ASN OD1  O N N 47  
ASN ND2  N N N 48  
ASN OXT  O N N 49  
ASN H    H N N 50  
ASN H2   H N N 51  
ASN HA   H N N 52  
ASN HB2  H N N 53  
ASN HB3  H N N 54  
ASN HD21 H N N 55  
ASN HD22 H N N 56  
ASN HXT  H N N 57  
ASP N    N N N 58  
ASP CA   C N S 59  
ASP C    C N N 60  
ASP O    O N N 61  
ASP CB   C N N 62  
ASP CG   C N N 63  
ASP OD1  O N N 64  
ASP OD2  O N N 65  
ASP OXT  O N N 66  
ASP H    H N N 67  
ASP H2   H N N 68  
ASP HA   H N N 69  
ASP HB2  H N N 70  
ASP HB3  H N N 71  
ASP HD2  H N N 72  
ASP HXT  H N N 73  
CYS N    N N N 74  
CYS CA   C N R 75  
CYS C    C N N 76  
CYS O    O N N 77  
CYS CB   C N N 78  
CYS SG   S N N 79  
CYS OXT  O N N 80  
CYS H    H N N 81  
CYS H2   H N N 82  
CYS HA   H N N 83  
CYS HB2  H N N 84  
CYS HB3  H N N 85  
CYS HG   H N N 86  
CYS HXT  H N N 87  
GLN N    N N N 88  
GLN CA   C N S 89  
GLN C    C N N 90  
GLN O    O N N 91  
GLN CB   C N N 92  
GLN CG   C N N 93  
GLN CD   C N N 94  
GLN OE1  O N N 95  
GLN NE2  N N N 96  
GLN OXT  O N N 97  
GLN H    H N N 98  
GLN H2   H N N 99  
GLN HA   H N N 100 
GLN HB2  H N N 101 
GLN HB3  H N N 102 
GLN HG2  H N N 103 
GLN HG3  H N N 104 
GLN HE21 H N N 105 
GLN HE22 H N N 106 
GLN HXT  H N N 107 
GLU N    N N N 108 
GLU CA   C N S 109 
GLU C    C N N 110 
GLU O    O N N 111 
GLU CB   C N N 112 
GLU CG   C N N 113 
GLU CD   C N N 114 
GLU OE1  O N N 115 
GLU OE2  O N N 116 
GLU OXT  O N N 117 
GLU H    H N N 118 
GLU H2   H N N 119 
GLU HA   H N N 120 
GLU HB2  H N N 121 
GLU HB3  H N N 122 
GLU HG2  H N N 123 
GLU HG3  H N N 124 
GLU HE2  H N N 125 
GLU HXT  H N N 126 
GLY N    N N N 127 
GLY CA   C N N 128 
GLY C    C N N 129 
GLY O    O N N 130 
GLY OXT  O N N 131 
GLY H    H N N 132 
GLY H2   H N N 133 
GLY HA2  H N N 134 
GLY HA3  H N N 135 
GLY HXT  H N N 136 
HIS N    N N N 137 
HIS CA   C N S 138 
HIS C    C N N 139 
HIS O    O N N 140 
HIS CB   C N N 141 
HIS CG   C Y N 142 
HIS ND1  N Y N 143 
HIS CD2  C Y N 144 
HIS CE1  C Y N 145 
HIS NE2  N Y N 146 
HIS OXT  O N N 147 
HIS H    H N N 148 
HIS H2   H N N 149 
HIS HA   H N N 150 
HIS HB2  H N N 151 
HIS HB3  H N N 152 
HIS HD1  H N N 153 
HIS HD2  H N N 154 
HIS HE1  H N N 155 
HIS HE2  H N N 156 
HIS HXT  H N N 157 
HOH O    O N N 158 
HOH H1   H N N 159 
HOH H2   H N N 160 
ILE N    N N N 161 
ILE CA   C N S 162 
ILE C    C N N 163 
ILE O    O N N 164 
ILE CB   C N S 165 
ILE CG1  C N N 166 
ILE CG2  C N N 167 
ILE CD1  C N N 168 
ILE OXT  O N N 169 
ILE H    H N N 170 
ILE H2   H N N 171 
ILE HA   H N N 172 
ILE HB   H N N 173 
ILE HG12 H N N 174 
ILE HG13 H N N 175 
ILE HG21 H N N 176 
ILE HG22 H N N 177 
ILE HG23 H N N 178 
ILE HD11 H N N 179 
ILE HD12 H N N 180 
ILE HD13 H N N 181 
ILE HXT  H N N 182 
LEU N    N N N 183 
LEU CA   C N S 184 
LEU C    C N N 185 
LEU O    O N N 186 
LEU CB   C N N 187 
LEU CG   C N N 188 
LEU CD1  C N N 189 
LEU CD2  C N N 190 
LEU OXT  O N N 191 
LEU H    H N N 192 
LEU H2   H N N 193 
LEU HA   H N N 194 
LEU HB2  H N N 195 
LEU HB3  H N N 196 
LEU HG   H N N 197 
LEU HD11 H N N 198 
LEU HD12 H N N 199 
LEU HD13 H N N 200 
LEU HD21 H N N 201 
LEU HD22 H N N 202 
LEU HD23 H N N 203 
LEU HXT  H N N 204 
LYS N    N N N 205 
LYS CA   C N S 206 
LYS C    C N N 207 
LYS O    O N N 208 
LYS CB   C N N 209 
LYS CG   C N N 210 
LYS CD   C N N 211 
LYS CE   C N N 212 
LYS NZ   N N N 213 
LYS OXT  O N N 214 
LYS H    H N N 215 
LYS H2   H N N 216 
LYS HA   H N N 217 
LYS HB2  H N N 218 
LYS HB3  H N N 219 
LYS HG2  H N N 220 
LYS HG3  H N N 221 
LYS HD2  H N N 222 
LYS HD3  H N N 223 
LYS HE2  H N N 224 
LYS HE3  H N N 225 
LYS HZ1  H N N 226 
LYS HZ2  H N N 227 
LYS HZ3  H N N 228 
LYS HXT  H N N 229 
MET N    N N N 230 
MET CA   C N S 231 
MET C    C N N 232 
MET O    O N N 233 
MET CB   C N N 234 
MET CG   C N N 235 
MET SD   S N N 236 
MET CE   C N N 237 
MET OXT  O N N 238 
MET H    H N N 239 
MET H2   H N N 240 
MET HA   H N N 241 
MET HB2  H N N 242 
MET HB3  H N N 243 
MET HG2  H N N 244 
MET HG3  H N N 245 
MET HE1  H N N 246 
MET HE2  H N N 247 
MET HE3  H N N 248 
MET HXT  H N N 249 
PHE N    N N N 250 
PHE CA   C N S 251 
PHE C    C N N 252 
PHE O    O N N 253 
PHE CB   C N N 254 
PHE CG   C Y N 255 
PHE CD1  C Y N 256 
PHE CD2  C Y N 257 
PHE CE1  C Y N 258 
PHE CE2  C Y N 259 
PHE CZ   C Y N 260 
PHE OXT  O N N 261 
PHE H    H N N 262 
PHE H2   H N N 263 
PHE HA   H N N 264 
PHE HB2  H N N 265 
PHE HB3  H N N 266 
PHE HD1  H N N 267 
PHE HD2  H N N 268 
PHE HE1  H N N 269 
PHE HE2  H N N 270 
PHE HZ   H N N 271 
PHE HXT  H N N 272 
PRO N    N N N 273 
PRO CA   C N S 274 
PRO C    C N N 275 
PRO O    O N N 276 
PRO CB   C N N 277 
PRO CG   C N N 278 
PRO CD   C N N 279 
PRO OXT  O N N 280 
PRO H    H N N 281 
PRO HA   H N N 282 
PRO HB2  H N N 283 
PRO HB3  H N N 284 
PRO HG2  H N N 285 
PRO HG3  H N N 286 
PRO HD2  H N N 287 
PRO HD3  H N N 288 
PRO HXT  H N N 289 
SER N    N N N 290 
SER CA   C N S 291 
SER C    C N N 292 
SER O    O N N 293 
SER CB   C N N 294 
SER OG   O N N 295 
SER OXT  O N N 296 
SER H    H N N 297 
SER H2   H N N 298 
SER HA   H N N 299 
SER HB2  H N N 300 
SER HB3  H N N 301 
SER HG   H N N 302 
SER HXT  H N N 303 
SO4 S    S N N 304 
SO4 O1   O N N 305 
SO4 O2   O N N 306 
SO4 O3   O N N 307 
SO4 O4   O N N 308 
THR N    N N N 309 
THR CA   C N S 310 
THR C    C N N 311 
THR O    O N N 312 
THR CB   C N R 313 
THR OG1  O N N 314 
THR CG2  C N N 315 
THR OXT  O N N 316 
THR H    H N N 317 
THR H2   H N N 318 
THR HA   H N N 319 
THR HB   H N N 320 
THR HG1  H N N 321 
THR HG21 H N N 322 
THR HG22 H N N 323 
THR HG23 H N N 324 
THR HXT  H N N 325 
VAL N    N N N 326 
VAL CA   C N S 327 
VAL C    C N N 328 
VAL O    O N N 329 
VAL CB   C N N 330 
VAL CG1  C N N 331 
VAL CG2  C N N 332 
VAL OXT  O N N 333 
VAL H    H N N 334 
VAL H2   H N N 335 
VAL HA   H N N 336 
VAL HB   H N N 337 
VAL HG11 H N N 338 
VAL HG12 H N N 339 
VAL HG13 H N N 340 
VAL HG21 H N N 341 
VAL HG22 H N N 342 
VAL HG23 H N N 343 
VAL HXT  H N N 344 
# 
loop_
_chem_comp_bond.comp_id 
_chem_comp_bond.atom_id_1 
_chem_comp_bond.atom_id_2 
_chem_comp_bond.value_order 
_chem_comp_bond.pdbx_aromatic_flag 
_chem_comp_bond.pdbx_stereo_config 
_chem_comp_bond.pdbx_ordinal 
ALA N   CA   sing N N 1   
ALA N   H    sing N N 2   
ALA N   H2   sing N N 3   
ALA CA  C    sing N N 4   
ALA CA  CB   sing N N 5   
ALA CA  HA   sing N N 6   
ALA C   O    doub N N 7   
ALA C   OXT  sing N N 8   
ALA CB  HB1  sing N N 9   
ALA CB  HB2  sing N N 10  
ALA CB  HB3  sing N N 11  
ALA OXT HXT  sing N N 12  
ARG N   CA   sing N N 13  
ARG N   H    sing N N 14  
ARG N   H2   sing N N 15  
ARG CA  C    sing N N 16  
ARG CA  CB   sing N N 17  
ARG CA  HA   sing N N 18  
ARG C   O    doub N N 19  
ARG C   OXT  sing N N 20  
ARG CB  CG   sing N N 21  
ARG CB  HB2  sing N N 22  
ARG CB  HB3  sing N N 23  
ARG CG  CD   sing N N 24  
ARG CG  HG2  sing N N 25  
ARG CG  HG3  sing N N 26  
ARG CD  NE   sing N N 27  
ARG CD  HD2  sing N N 28  
ARG CD  HD3  sing N N 29  
ARG NE  CZ   sing N N 30  
ARG NE  HE   sing N N 31  
ARG CZ  NH1  sing N N 32  
ARG CZ  NH2  doub N N 33  
ARG NH1 HH11 sing N N 34  
ARG NH1 HH12 sing N N 35  
ARG NH2 HH21 sing N N 36  
ARG NH2 HH22 sing N N 37  
ARG OXT HXT  sing N N 38  
ASN N   CA   sing N N 39  
ASN N   H    sing N N 40  
ASN N   H2   sing N N 41  
ASN CA  C    sing N N 42  
ASN CA  CB   sing N N 43  
ASN CA  HA   sing N N 44  
ASN C   O    doub N N 45  
ASN C   OXT  sing N N 46  
ASN CB  CG   sing N N 47  
ASN CB  HB2  sing N N 48  
ASN CB  HB3  sing N N 49  
ASN CG  OD1  doub N N 50  
ASN CG  ND2  sing N N 51  
ASN ND2 HD21 sing N N 52  
ASN ND2 HD22 sing N N 53  
ASN OXT HXT  sing N N 54  
ASP N   CA   sing N N 55  
ASP N   H    sing N N 56  
ASP N   H2   sing N N 57  
ASP CA  C    sing N N 58  
ASP CA  CB   sing N N 59  
ASP CA  HA   sing N N 60  
ASP C   O    doub N N 61  
ASP C   OXT  sing N N 62  
ASP CB  CG   sing N N 63  
ASP CB  HB2  sing N N 64  
ASP CB  HB3  sing N N 65  
ASP CG  OD1  doub N N 66  
ASP CG  OD2  sing N N 67  
ASP OD2 HD2  sing N N 68  
ASP OXT HXT  sing N N 69  
CYS N   CA   sing N N 70  
CYS N   H    sing N N 71  
CYS N   H2   sing N N 72  
CYS CA  C    sing N N 73  
CYS CA  CB   sing N N 74  
CYS CA  HA   sing N N 75  
CYS C   O    doub N N 76  
CYS C   OXT  sing N N 77  
CYS CB  SG   sing N N 78  
CYS CB  HB2  sing N N 79  
CYS CB  HB3  sing N N 80  
CYS SG  HG   sing N N 81  
CYS OXT HXT  sing N N 82  
GLN N   CA   sing N N 83  
GLN N   H    sing N N 84  
GLN N   H2   sing N N 85  
GLN CA  C    sing N N 86  
GLN CA  CB   sing N N 87  
GLN CA  HA   sing N N 88  
GLN C   O    doub N N 89  
GLN C   OXT  sing N N 90  
GLN CB  CG   sing N N 91  
GLN CB  HB2  sing N N 92  
GLN CB  HB3  sing N N 93  
GLN CG  CD   sing N N 94  
GLN CG  HG2  sing N N 95  
GLN CG  HG3  sing N N 96  
GLN CD  OE1  doub N N 97  
GLN CD  NE2  sing N N 98  
GLN NE2 HE21 sing N N 99  
GLN NE2 HE22 sing N N 100 
GLN OXT HXT  sing N N 101 
GLU N   CA   sing N N 102 
GLU N   H    sing N N 103 
GLU N   H2   sing N N 104 
GLU CA  C    sing N N 105 
GLU CA  CB   sing N N 106 
GLU CA  HA   sing N N 107 
GLU C   O    doub N N 108 
GLU C   OXT  sing N N 109 
GLU CB  CG   sing N N 110 
GLU CB  HB2  sing N N 111 
GLU CB  HB3  sing N N 112 
GLU CG  CD   sing N N 113 
GLU CG  HG2  sing N N 114 
GLU CG  HG3  sing N N 115 
GLU CD  OE1  doub N N 116 
GLU CD  OE2  sing N N 117 
GLU OE2 HE2  sing N N 118 
GLU OXT HXT  sing N N 119 
GLY N   CA   sing N N 120 
GLY N   H    sing N N 121 
GLY N   H2   sing N N 122 
GLY CA  C    sing N N 123 
GLY CA  HA2  sing N N 124 
GLY CA  HA3  sing N N 125 
GLY C   O    doub N N 126 
GLY C   OXT  sing N N 127 
GLY OXT HXT  sing N N 128 
HIS N   CA   sing N N 129 
HIS N   H    sing N N 130 
HIS N   H2   sing N N 131 
HIS CA  C    sing N N 132 
HIS CA  CB   sing N N 133 
HIS CA  HA   sing N N 134 
HIS C   O    doub N N 135 
HIS C   OXT  sing N N 136 
HIS CB  CG   sing N N 137 
HIS CB  HB2  sing N N 138 
HIS CB  HB3  sing N N 139 
HIS CG  ND1  sing Y N 140 
HIS CG  CD2  doub Y N 141 
HIS ND1 CE1  doub Y N 142 
HIS ND1 HD1  sing N N 143 
HIS CD2 NE2  sing Y N 144 
HIS CD2 HD2  sing N N 145 
HIS CE1 NE2  sing Y N 146 
HIS CE1 HE1  sing N N 147 
HIS NE2 HE2  sing N N 148 
HIS OXT HXT  sing N N 149 
HOH O   H1   sing N N 150 
HOH O   H2   sing N N 151 
ILE N   CA   sing N N 152 
ILE N   H    sing N N 153 
ILE N   H2   sing N N 154 
ILE CA  C    sing N N 155 
ILE CA  CB   sing N N 156 
ILE CA  HA   sing N N 157 
ILE C   O    doub N N 158 
ILE C   OXT  sing N N 159 
ILE CB  CG1  sing N N 160 
ILE CB  CG2  sing N N 161 
ILE CB  HB   sing N N 162 
ILE CG1 CD1  sing N N 163 
ILE CG1 HG12 sing N N 164 
ILE CG1 HG13 sing N N 165 
ILE CG2 HG21 sing N N 166 
ILE CG2 HG22 sing N N 167 
ILE CG2 HG23 sing N N 168 
ILE CD1 HD11 sing N N 169 
ILE CD1 HD12 sing N N 170 
ILE CD1 HD13 sing N N 171 
ILE OXT HXT  sing N N 172 
LEU N   CA   sing N N 173 
LEU N   H    sing N N 174 
LEU N   H2   sing N N 175 
LEU CA  C    sing N N 176 
LEU CA  CB   sing N N 177 
LEU CA  HA   sing N N 178 
LEU C   O    doub N N 179 
LEU C   OXT  sing N N 180 
LEU CB  CG   sing N N 181 
LEU CB  HB2  sing N N 182 
LEU CB  HB3  sing N N 183 
LEU CG  CD1  sing N N 184 
LEU CG  CD2  sing N N 185 
LEU CG  HG   sing N N 186 
LEU CD1 HD11 sing N N 187 
LEU CD1 HD12 sing N N 188 
LEU CD1 HD13 sing N N 189 
LEU CD2 HD21 sing N N 190 
LEU CD2 HD22 sing N N 191 
LEU CD2 HD23 sing N N 192 
LEU OXT HXT  sing N N 193 
LYS N   CA   sing N N 194 
LYS N   H    sing N N 195 
LYS N   H2   sing N N 196 
LYS CA  C    sing N N 197 
LYS CA  CB   sing N N 198 
LYS CA  HA   sing N N 199 
LYS C   O    doub N N 200 
LYS C   OXT  sing N N 201 
LYS CB  CG   sing N N 202 
LYS CB  HB2  sing N N 203 
LYS CB  HB3  sing N N 204 
LYS CG  CD   sing N N 205 
LYS CG  HG2  sing N N 206 
LYS CG  HG3  sing N N 207 
LYS CD  CE   sing N N 208 
LYS CD  HD2  sing N N 209 
LYS CD  HD3  sing N N 210 
LYS CE  NZ   sing N N 211 
LYS CE  HE2  sing N N 212 
LYS CE  HE3  sing N N 213 
LYS NZ  HZ1  sing N N 214 
LYS NZ  HZ2  sing N N 215 
LYS NZ  HZ3  sing N N 216 
LYS OXT HXT  sing N N 217 
MET N   CA   sing N N 218 
MET N   H    sing N N 219 
MET N   H2   sing N N 220 
MET CA  C    sing N N 221 
MET CA  CB   sing N N 222 
MET CA  HA   sing N N 223 
MET C   O    doub N N 224 
MET C   OXT  sing N N 225 
MET CB  CG   sing N N 226 
MET CB  HB2  sing N N 227 
MET CB  HB3  sing N N 228 
MET CG  SD   sing N N 229 
MET CG  HG2  sing N N 230 
MET CG  HG3  sing N N 231 
MET SD  CE   sing N N 232 
MET CE  HE1  sing N N 233 
MET CE  HE2  sing N N 234 
MET CE  HE3  sing N N 235 
MET OXT HXT  sing N N 236 
PHE N   CA   sing N N 237 
PHE N   H    sing N N 238 
PHE N   H2   sing N N 239 
PHE CA  C    sing N N 240 
PHE CA  CB   sing N N 241 
PHE CA  HA   sing N N 242 
PHE C   O    doub N N 243 
PHE C   OXT  sing N N 244 
PHE CB  CG   sing N N 245 
PHE CB  HB2  sing N N 246 
PHE CB  HB3  sing N N 247 
PHE CG  CD1  doub Y N 248 
PHE CG  CD2  sing Y N 249 
PHE CD1 CE1  sing Y N 250 
PHE CD1 HD1  sing N N 251 
PHE CD2 CE2  doub Y N 252 
PHE CD2 HD2  sing N N 253 
PHE CE1 CZ   doub Y N 254 
PHE CE1 HE1  sing N N 255 
PHE CE2 CZ   sing Y N 256 
PHE CE2 HE2  sing N N 257 
PHE CZ  HZ   sing N N 258 
PHE OXT HXT  sing N N 259 
PRO N   CA   sing N N 260 
PRO N   CD   sing N N 261 
PRO N   H    sing N N 262 
PRO CA  C    sing N N 263 
PRO CA  CB   sing N N 264 
PRO CA  HA   sing N N 265 
PRO C   O    doub N N 266 
PRO C   OXT  sing N N 267 
PRO CB  CG   sing N N 268 
PRO CB  HB2  sing N N 269 
PRO CB  HB3  sing N N 270 
PRO CG  CD   sing N N 271 
PRO CG  HG2  sing N N 272 
PRO CG  HG3  sing N N 273 
PRO CD  HD2  sing N N 274 
PRO CD  HD3  sing N N 275 
PRO OXT HXT  sing N N 276 
SER N   CA   sing N N 277 
SER N   H    sing N N 278 
SER N   H2   sing N N 279 
SER CA  C    sing N N 280 
SER CA  CB   sing N N 281 
SER CA  HA   sing N N 282 
SER C   O    doub N N 283 
SER C   OXT  sing N N 284 
SER CB  OG   sing N N 285 
SER CB  HB2  sing N N 286 
SER CB  HB3  sing N N 287 
SER OG  HG   sing N N 288 
SER OXT HXT  sing N N 289 
SO4 S   O1   doub N N 290 
SO4 S   O2   doub N N 291 
SO4 S   O3   sing N N 292 
SO4 S   O4   sing N N 293 
THR N   CA   sing N N 294 
THR N   H    sing N N 295 
THR N   H2   sing N N 296 
THR CA  C    sing N N 297 
THR CA  CB   sing N N 298 
THR CA  HA   sing N N 299 
THR C   O    doub N N 300 
THR C   OXT  sing N N 301 
THR CB  OG1  sing N N 302 
THR CB  CG2  sing N N 303 
THR CB  HB   sing N N 304 
THR OG1 HG1  sing N N 305 
THR CG2 HG21 sing N N 306 
THR CG2 HG22 sing N N 307 
THR CG2 HG23 sing N N 308 
THR OXT HXT  sing N N 309 
VAL N   CA   sing N N 310 
VAL N   H    sing N N 311 
VAL N   H2   sing N N 312 
VAL CA  C    sing N N 313 
VAL CA  CB   sing N N 314 
VAL CA  HA   sing N N 315 
VAL C   O    doub N N 316 
VAL C   OXT  sing N N 317 
VAL CB  CG1  sing N N 318 
VAL CB  CG2  sing N N 319 
VAL CB  HB   sing N N 320 
VAL CG1 HG11 sing N N 321 
VAL CG1 HG12 sing N N 322 
VAL CG1 HG13 sing N N 323 
VAL CG2 HG21 sing N N 324 
VAL CG2 HG22 sing N N 325 
VAL CG2 HG23 sing N N 326 
VAL OXT HXT  sing N N 327 
# 
loop_
_pdbx_entity_nonpoly.entity_id 
_pdbx_entity_nonpoly.name 
_pdbx_entity_nonpoly.comp_id 
2 'SULFATE ION' SO4 
3 water         HOH 
# 
_pdbx_initial_refinement_model.id               1 
_pdbx_initial_refinement_model.entity_id_list   ? 
_pdbx_initial_refinement_model.type             'experimental model' 
_pdbx_initial_refinement_model.source_name      PDB 
_pdbx_initial_refinement_model.accession_code   2A1B 
_pdbx_initial_refinement_model.details          'PDB entry 2A1B (RESIDUES 2-90)' 
# 
loop_
_pdbx_reflns_twin.domain_id 
_pdbx_reflns_twin.crystal_id 
_pdbx_reflns_twin.diffrn_id 
_pdbx_reflns_twin.type 
_pdbx_reflns_twin.operator 
_pdbx_reflns_twin.fraction 
1 1 1 ? 'H, K, L'     0.815 
2 1 1 ? '-H-K, K, -L' 0.185 
# 
